data_5IOH
#
_entry.id   5IOH
#
_cell.length_a   160.769
_cell.length_b   57.089
_cell.length_c   73.635
_cell.angle_alpha   90.00
_cell.angle_beta   90.00
_cell.angle_gamma   90.00
#
_symmetry.space_group_name_H-M   'P 21 21 2'
#
loop_
_entity.id
_entity.type
_entity.pdbx_description
1 polymer 'Serine/threonine-protein phosphatase PP1-alpha catalytic subunit'
2 polymer 'Cell division cycle-associated protein 2'
3 water water
#
loop_
_entity_poly.entity_id
_entity_poly.type
_entity_poly.pdbx_seq_one_letter_code
_entity_poly.pdbx_strand_id
1 'polypeptide(L)'
;GHMGSLNLDSIIGRLLEVQGSRPGKNVQLTENEIRGLCLKSREIFLSQPILLELEAPLKICGDIHGQYYDLLRLFEYGGF
PPESNYLFLGDYVDRGKQSLETICLLLAYKIKYPENFFLLRGNHECASINRIYGFYDECKRRYNIKLWKTFTDCFNCLPI
AAIVDEKIFCCHGGLSPDLQSMEQIRRIMRPTDVPDQGLLCDLLWSDPDKDVQGWGENDRGVSFTFGAEVVAKFLHKHDL
DLICRAHQVVEDGYEFFAKRQLVTLFSAPNYCGEFDNAGAMMSVDETLMCSFQILKPAD
;
A,C
2 'polypeptide(L)' GAMGYAFLNMRKRKRVTFGEDLSPEVFDESLPANTPLRKGGTPVCKKDFSGLSSLLLEQSPVPE B,D
#
# COMPACT_ATOMS: atom_id res chain seq x y z
N LEU A 6 -17.17 -21.92 17.07
CA LEU A 6 -17.14 -22.45 15.70
C LEU A 6 -16.24 -23.67 15.61
N ASN A 7 -16.84 -24.85 15.48
CA ASN A 7 -16.07 -26.08 15.33
C ASN A 7 -15.61 -26.25 13.89
N LEU A 8 -14.53 -25.57 13.54
CA LEU A 8 -14.02 -25.53 12.18
C LEU A 8 -13.55 -26.90 11.70
N ASP A 9 -12.98 -27.68 12.62
CA ASP A 9 -12.44 -29.00 12.28
C ASP A 9 -13.56 -29.98 11.93
N SER A 10 -14.72 -29.82 12.57
CA SER A 10 -15.87 -30.67 12.30
C SER A 10 -16.45 -30.36 10.91
N ILE A 11 -16.47 -29.08 10.56
CA ILE A 11 -16.95 -28.63 9.26
C ILE A 11 -16.06 -29.13 8.14
N ILE A 12 -14.75 -28.92 8.28
CA ILE A 12 -13.79 -29.38 7.29
C ILE A 12 -13.84 -30.90 7.15
N GLY A 13 -13.97 -31.59 8.27
CA GLY A 13 -14.05 -33.04 8.28
C GLY A 13 -15.22 -33.58 7.48
N ARG A 14 -16.40 -32.99 7.66
CA ARG A 14 -17.58 -33.42 6.92
C ARG A 14 -17.49 -33.05 5.44
N LEU A 15 -16.84 -31.94 5.14
CA LEU A 15 -16.66 -31.52 3.75
C LEU A 15 -15.68 -32.42 3.02
N LEU A 16 -14.65 -32.88 3.73
CA LEU A 16 -13.63 -33.73 3.13
C LEU A 16 -14.00 -35.22 3.21
N GLU A 17 -15.08 -35.53 3.94
CA GLU A 17 -15.48 -36.91 4.16
C GLU A 17 -15.86 -37.62 2.87
N VAL A 18 -16.38 -36.88 1.90
CA VAL A 18 -16.82 -37.45 0.63
C VAL A 18 -15.67 -37.59 -0.37
N GLN A 19 -14.44 -37.54 0.14
CA GLN A 19 -13.25 -37.62 -0.70
C GLN A 19 -13.15 -38.96 -1.42
N GLY A 20 -13.47 -40.04 -0.71
CA GLY A 20 -13.37 -41.38 -1.26
C GLY A 20 -14.72 -42.03 -1.48
N SER A 21 -15.78 -41.24 -1.34
CA SER A 21 -17.13 -41.74 -1.56
C SER A 21 -17.51 -41.60 -3.03
N ARG A 22 -18.68 -42.14 -3.38
CA ARG A 22 -19.19 -42.01 -4.75
C ARG A 22 -19.56 -40.56 -5.03
N PRO A 23 -18.93 -39.95 -6.04
CA PRO A 23 -19.09 -38.54 -6.41
C PRO A 23 -20.55 -38.13 -6.64
N GLY A 24 -20.88 -36.90 -6.29
CA GLY A 24 -22.21 -36.37 -6.54
C GLY A 24 -22.98 -36.03 -5.29
N LYS A 25 -22.71 -36.76 -4.22
CA LYS A 25 -23.44 -36.59 -2.96
C LYS A 25 -23.16 -35.23 -2.32
N ASN A 26 -24.22 -34.61 -1.79
CA ASN A 26 -24.10 -33.31 -1.15
C ASN A 26 -23.53 -33.38 0.27
N VAL A 27 -22.96 -32.27 0.72
CA VAL A 27 -22.60 -32.12 2.12
C VAL A 27 -23.43 -30.98 2.71
N GLN A 28 -24.46 -31.34 3.47
CA GLN A 28 -25.40 -30.36 4.00
C GLN A 28 -25.01 -29.88 5.40
N LEU A 29 -24.30 -28.77 5.46
CA LEU A 29 -23.99 -28.13 6.74
C LEU A 29 -25.24 -27.44 7.28
N THR A 30 -25.19 -27.04 8.55
CA THR A 30 -26.31 -26.32 9.14
C THR A 30 -26.25 -24.84 8.75
N GLU A 31 -27.38 -24.16 8.87
CA GLU A 31 -27.46 -22.74 8.57
C GLU A 31 -26.48 -21.92 9.41
N ASN A 32 -26.38 -22.26 10.69
CA ASN A 32 -25.50 -21.55 11.62
C ASN A 32 -24.02 -21.76 11.32
N GLU A 33 -23.66 -22.97 10.93
CA GLU A 33 -22.27 -23.28 10.59
C GLU A 33 -21.80 -22.47 9.38
N ILE A 34 -22.66 -22.39 8.36
CA ILE A 34 -22.34 -21.63 7.16
C ILE A 34 -22.30 -20.14 7.47
N ARG A 35 -23.24 -19.67 8.28
CA ARG A 35 -23.28 -18.27 8.69
C ARG A 35 -22.02 -17.91 9.48
N GLY A 36 -21.54 -18.84 10.28
CA GLY A 36 -20.31 -18.66 11.03
C GLY A 36 -19.10 -18.56 10.12
N LEU A 37 -19.09 -19.36 9.06
CA LEU A 37 -18.02 -19.32 8.08
C LEU A 37 -17.96 -17.95 7.41
N CYS A 38 -19.12 -17.42 7.06
CA CYS A 38 -19.19 -16.12 6.40
C CYS A 38 -18.73 -14.99 7.32
N LEU A 39 -19.15 -15.04 8.59
CA LEU A 39 -18.83 -13.99 9.54
C LEU A 39 -17.33 -13.91 9.83
N LYS A 40 -16.72 -15.07 10.12
CA LYS A 40 -15.30 -15.10 10.46
C LYS A 40 -14.42 -14.77 9.27
N SER A 41 -14.75 -15.32 8.10
CA SER A 41 -13.98 -15.07 6.89
C SER A 41 -14.06 -13.59 6.50
N ARG A 42 -15.23 -12.99 6.72
CA ARG A 42 -15.44 -11.58 6.44
C ARG A 42 -14.51 -10.72 7.27
N GLU A 43 -14.29 -11.12 8.52
CA GLU A 43 -13.39 -10.40 9.42
C GLU A 43 -11.95 -10.47 8.93
N ILE A 44 -11.56 -11.66 8.47
CA ILE A 44 -10.19 -11.87 7.97
C ILE A 44 -9.97 -11.13 6.65
N PHE A 45 -10.98 -11.12 5.80
CA PHE A 45 -10.90 -10.40 4.52
C PHE A 45 -10.69 -8.91 4.74
N LEU A 46 -11.37 -8.36 5.74
CA LEU A 46 -11.28 -6.93 6.03
C LEU A 46 -10.00 -6.57 6.77
N SER A 47 -9.46 -7.51 7.54
CA SER A 47 -8.22 -7.26 8.28
C SER A 47 -7.01 -7.31 7.35
N GLN A 48 -7.13 -8.07 6.27
CA GLN A 48 -6.05 -8.19 5.30
C GLN A 48 -6.26 -7.19 4.17
N PRO A 49 -5.16 -6.79 3.50
CA PRO A 49 -5.23 -5.80 2.42
C PRO A 49 -6.13 -6.21 1.27
N ILE A 50 -6.70 -5.22 0.57
CA ILE A 50 -7.51 -5.48 -0.61
C ILE A 50 -6.61 -5.82 -1.79
N LEU A 51 -5.37 -5.34 -1.71
CA LEU A 51 -4.33 -5.72 -2.67
C LEU A 51 -3.28 -6.54 -1.95
N LEU A 52 -3.37 -7.86 -2.09
CA LEU A 52 -2.51 -8.78 -1.35
C LEU A 52 -1.08 -8.80 -1.86
N GLU A 53 -0.14 -8.88 -0.94
CA GLU A 53 1.27 -9.06 -1.27
C GLU A 53 1.71 -10.45 -0.81
N LEU A 54 1.71 -11.39 -1.74
CA LEU A 54 1.98 -12.78 -1.41
C LEU A 54 3.39 -13.18 -1.82
N GLU A 55 3.90 -14.25 -1.20
CA GLU A 55 5.23 -14.74 -1.51
C GLU A 55 5.19 -16.19 -1.98
N ALA A 56 6.05 -16.51 -2.94
CA ALA A 56 6.20 -17.89 -3.41
C ALA A 56 6.93 -18.71 -2.34
N PRO A 57 6.74 -20.03 -2.33
CA PRO A 57 5.95 -20.87 -3.23
C PRO A 57 4.44 -20.72 -3.05
N LEU A 58 3.70 -20.92 -4.13
CA LEU A 58 2.25 -20.75 -4.12
C LEU A 58 1.60 -21.43 -5.33
N LYS A 59 0.37 -21.91 -5.14
CA LYS A 59 -0.39 -22.47 -6.25
C LYS A 59 -1.60 -21.59 -6.56
N ILE A 60 -1.78 -21.26 -7.83
CA ILE A 60 -2.84 -20.35 -8.26
C ILE A 60 -3.90 -21.09 -9.07
N CYS A 61 -5.16 -20.90 -8.70
CA CYS A 61 -6.27 -21.58 -9.36
C CYS A 61 -7.25 -20.61 -10.01
N GLY A 62 -7.86 -21.02 -11.11
CA GLY A 62 -8.84 -20.21 -11.81
C GLY A 62 -10.25 -20.50 -11.34
N ASP A 63 -11.21 -20.37 -12.25
CA ASP A 63 -12.62 -20.59 -11.93
C ASP A 63 -12.89 -22.01 -11.44
N ILE A 64 -13.77 -22.13 -10.45
CA ILE A 64 -14.19 -23.42 -9.94
C ILE A 64 -15.65 -23.66 -10.29
N HIS A 65 -16.46 -22.62 -10.10
CA HIS A 65 -17.87 -22.60 -10.48
C HIS A 65 -18.67 -23.79 -9.94
N GLY A 66 -18.69 -23.93 -8.62
CA GLY A 66 -19.56 -24.90 -7.97
C GLY A 66 -19.29 -26.37 -8.26
N GLN A 67 -18.20 -26.65 -8.95
CA GLN A 67 -17.81 -28.03 -9.23
C GLN A 67 -16.97 -28.56 -8.08
N TYR A 68 -17.64 -28.91 -6.98
CA TYR A 68 -16.98 -29.23 -5.72
C TYR A 68 -16.08 -30.45 -5.76
N TYR A 69 -16.53 -31.51 -6.44
CA TYR A 69 -15.77 -32.74 -6.50
C TYR A 69 -14.52 -32.60 -7.38
N ASP A 70 -14.56 -31.65 -8.30
CA ASP A 70 -13.38 -31.32 -9.08
C ASP A 70 -12.38 -30.54 -8.24
N LEU A 71 -12.91 -29.73 -7.32
CA LEU A 71 -12.07 -28.98 -6.39
C LEU A 71 -11.28 -29.93 -5.49
N LEU A 72 -11.95 -30.99 -5.05
CA LEU A 72 -11.29 -32.02 -4.24
C LEU A 72 -10.19 -32.71 -5.04
N ARG A 73 -10.43 -32.88 -6.33
CA ARG A 73 -9.44 -33.50 -7.21
C ARG A 73 -8.25 -32.57 -7.42
N LEU A 74 -8.52 -31.27 -7.45
CA LEU A 74 -7.46 -30.27 -7.56
C LEU A 74 -6.57 -30.31 -6.33
N PHE A 75 -7.18 -30.43 -5.16
CA PHE A 75 -6.46 -30.54 -3.91
C PHE A 75 -5.74 -31.89 -3.82
N GLU A 76 -6.34 -32.92 -4.38
CA GLU A 76 -5.74 -34.25 -4.41
C GLU A 76 -4.45 -34.22 -5.24
N TYR A 77 -4.43 -33.35 -6.24
CA TYR A 77 -3.28 -33.20 -7.13
C TYR A 77 -2.27 -32.24 -6.54
N GLY A 78 -2.72 -31.05 -6.17
CA GLY A 78 -1.84 -30.01 -5.68
C GLY A 78 -1.44 -30.14 -4.22
N GLY A 79 -2.22 -30.91 -3.47
CA GLY A 79 -1.95 -31.08 -2.05
C GLY A 79 -2.92 -30.29 -1.18
N PHE A 80 -3.64 -30.97 -0.30
CA PHE A 80 -4.56 -30.32 0.62
C PHE A 80 -3.80 -29.39 1.57
N PRO A 81 -4.40 -28.23 1.88
CA PRO A 81 -3.83 -27.30 2.86
C PRO A 81 -3.61 -27.98 4.21
N PRO A 82 -2.55 -27.59 4.95
CA PRO A 82 -1.60 -26.54 4.58
C PRO A 82 -0.35 -27.06 3.88
N GLU A 83 -0.45 -28.21 3.21
CA GLU A 83 0.70 -28.78 2.51
C GLU A 83 1.19 -27.85 1.42
N SER A 84 0.27 -27.12 0.80
CA SER A 84 0.62 -26.14 -0.22
C SER A 84 -0.13 -24.83 0.02
N ASN A 85 0.48 -23.73 -0.40
CA ASN A 85 -0.19 -22.44 -0.36
C ASN A 85 -1.09 -22.27 -1.58
N TYR A 86 -2.20 -21.56 -1.41
CA TYR A 86 -3.17 -21.43 -2.50
C TYR A 86 -3.67 -20.00 -2.69
N LEU A 87 -3.84 -19.61 -3.95
CA LEU A 87 -4.48 -18.36 -4.30
C LEU A 87 -5.53 -18.59 -5.38
N PHE A 88 -6.78 -18.37 -5.04
CA PHE A 88 -7.87 -18.53 -6.01
C PHE A 88 -8.25 -17.19 -6.61
N LEU A 89 -8.61 -17.19 -7.89
CA LEU A 89 -8.84 -15.96 -8.63
C LEU A 89 -10.31 -15.60 -8.76
N GLY A 90 -11.17 -16.26 -7.97
CA GLY A 90 -12.58 -15.93 -7.96
C GLY A 90 -13.46 -16.94 -8.68
N ASP A 91 -14.74 -16.60 -8.78
CA ASP A 91 -15.76 -17.45 -9.41
C ASP A 91 -15.81 -18.84 -8.79
N TYR A 92 -16.33 -18.90 -7.57
CA TYR A 92 -16.45 -20.16 -6.84
C TYR A 92 -17.87 -20.71 -6.95
N VAL A 93 -18.82 -19.83 -7.25
CA VAL A 93 -20.22 -20.20 -7.32
C VAL A 93 -20.76 -20.13 -8.74
N ASP A 94 -22.06 -20.40 -8.88
CA ASP A 94 -22.77 -20.38 -10.16
C ASP A 94 -22.36 -21.51 -11.11
N ARG A 95 -23.25 -21.83 -12.04
CA ARG A 95 -23.03 -22.83 -13.09
C ARG A 95 -22.96 -24.26 -12.56
N GLY A 96 -22.22 -24.47 -11.48
CA GLY A 96 -22.07 -25.81 -10.92
C GLY A 96 -23.26 -26.25 -10.11
N LYS A 97 -23.28 -27.54 -9.76
CA LYS A 97 -24.40 -28.11 -9.01
C LYS A 97 -24.18 -28.02 -7.50
N GLN A 98 -22.95 -27.71 -7.09
CA GLN A 98 -22.62 -27.67 -5.67
C GLN A 98 -21.76 -26.45 -5.32
N SER A 99 -22.33 -25.26 -5.48
CA SER A 99 -21.64 -24.02 -5.16
C SER A 99 -21.49 -23.85 -3.65
N LEU A 100 -22.43 -24.40 -2.90
CA LEU A 100 -22.43 -24.26 -1.45
C LEU A 100 -21.25 -25.00 -0.82
N GLU A 101 -21.06 -26.27 -1.21
CA GLU A 101 -19.94 -27.06 -0.71
C GLU A 101 -18.61 -26.43 -1.08
N THR A 102 -18.54 -25.89 -2.30
CA THR A 102 -17.32 -25.28 -2.81
C THR A 102 -16.88 -24.07 -1.97
N ILE A 103 -17.78 -23.10 -1.82
CA ILE A 103 -17.44 -21.87 -1.12
C ILE A 103 -17.23 -22.12 0.38
N CYS A 104 -17.95 -23.07 0.94
CA CYS A 104 -17.84 -23.37 2.36
C CYS A 104 -16.46 -23.94 2.73
N LEU A 105 -15.94 -24.80 1.87
CA LEU A 105 -14.62 -25.39 2.10
C LEU A 105 -13.53 -24.33 1.96
N LEU A 106 -13.67 -23.47 0.96
CA LEU A 106 -12.70 -22.40 0.71
C LEU A 106 -12.71 -21.37 1.84
N LEU A 107 -13.90 -21.08 2.37
CA LEU A 107 -14.01 -20.16 3.49
C LEU A 107 -13.47 -20.79 4.76
N ALA A 108 -13.69 -22.10 4.92
CA ALA A 108 -13.19 -22.83 6.07
C ALA A 108 -11.67 -22.86 6.07
N TYR A 109 -11.09 -23.10 4.89
CA TYR A 109 -9.64 -23.10 4.72
C TYR A 109 -9.06 -21.71 4.95
N LYS A 110 -9.82 -20.68 4.57
CA LYS A 110 -9.41 -19.30 4.77
C LYS A 110 -9.29 -18.99 6.26
N ILE A 111 -10.26 -19.47 7.02
CA ILE A 111 -10.27 -19.27 8.47
C ILE A 111 -9.21 -20.14 9.13
N LYS A 112 -9.06 -21.37 8.64
CA LYS A 112 -8.11 -22.32 9.19
C LYS A 112 -6.66 -21.90 8.92
N TYR A 113 -6.40 -21.41 7.72
CA TYR A 113 -5.05 -20.99 7.34
C TYR A 113 -5.06 -19.59 6.72
N PRO A 114 -5.27 -18.56 7.55
CA PRO A 114 -5.46 -17.18 7.07
C PRO A 114 -4.21 -16.55 6.43
N GLU A 115 -3.05 -17.17 6.60
CA GLU A 115 -1.83 -16.61 6.06
C GLU A 115 -1.22 -17.48 4.96
N ASN A 116 -1.89 -18.59 4.66
CA ASN A 116 -1.41 -19.51 3.64
C ASN A 116 -2.49 -19.90 2.64
N PHE A 117 -3.64 -19.26 2.77
CA PHE A 117 -4.78 -19.54 1.89
C PHE A 117 -5.48 -18.23 1.55
N PHE A 118 -5.62 -17.94 0.26
CA PHE A 118 -6.17 -16.65 -0.16
C PHE A 118 -7.19 -16.78 -1.29
N LEU A 119 -8.23 -15.96 -1.21
CA LEU A 119 -9.31 -15.98 -2.20
C LEU A 119 -9.57 -14.60 -2.76
N LEU A 120 -9.45 -14.46 -4.08
CA LEU A 120 -9.78 -13.21 -4.75
C LEU A 120 -11.26 -13.17 -5.13
N ARG A 121 -11.75 -11.98 -5.45
CA ARG A 121 -13.15 -11.82 -5.84
C ARG A 121 -13.31 -11.97 -7.35
N GLY A 122 -14.24 -12.83 -7.77
CA GLY A 122 -14.57 -12.97 -9.17
C GLY A 122 -15.82 -12.18 -9.48
N ASN A 123 -16.19 -12.13 -10.76
CA ASN A 123 -17.38 -11.38 -11.16
C ASN A 123 -18.66 -12.11 -10.75
N HIS A 124 -18.54 -13.38 -10.38
CA HIS A 124 -19.69 -14.16 -9.94
C HIS A 124 -19.87 -14.07 -8.42
N GLU A 125 -18.90 -13.45 -7.75
CA GLU A 125 -19.06 -13.13 -6.33
C GLU A 125 -19.77 -11.79 -6.20
N CYS A 126 -20.85 -11.64 -6.96
CA CYS A 126 -21.62 -10.40 -7.01
C CYS A 126 -23.10 -10.75 -6.98
N ALA A 127 -23.85 -10.06 -6.14
CA ALA A 127 -25.27 -10.38 -5.92
C ALA A 127 -26.10 -10.31 -7.21
N SER A 128 -25.79 -9.34 -8.07
CA SER A 128 -26.53 -9.18 -9.31
C SER A 128 -26.23 -10.32 -10.29
N ILE A 129 -25.07 -10.95 -10.14
CA ILE A 129 -24.66 -12.00 -11.06
C ILE A 129 -25.07 -13.40 -10.58
N ASN A 130 -24.78 -13.72 -9.32
CA ASN A 130 -25.07 -15.04 -8.81
C ASN A 130 -26.57 -15.24 -8.52
N ARG A 131 -27.32 -14.15 -8.59
CA ARG A 131 -28.78 -14.20 -8.54
C ARG A 131 -29.32 -14.99 -9.73
N ILE A 132 -28.61 -14.87 -10.86
CA ILE A 132 -29.08 -15.41 -12.12
C ILE A 132 -28.54 -16.80 -12.42
N TYR A 133 -27.24 -16.99 -12.19
CA TYR A 133 -26.54 -18.16 -12.71
C TYR A 133 -26.38 -19.33 -11.73
N GLY A 134 -27.26 -19.40 -10.72
CA GLY A 134 -27.35 -20.61 -9.92
C GLY A 134 -27.28 -20.50 -8.41
N PHE A 135 -26.42 -19.63 -7.90
CA PHE A 135 -26.13 -19.58 -6.47
C PHE A 135 -27.35 -19.20 -5.64
N TYR A 136 -28.15 -18.26 -6.12
CA TYR A 136 -29.37 -17.86 -5.44
C TYR A 136 -30.36 -19.03 -5.34
N ASP A 137 -30.55 -19.73 -6.45
CA ASP A 137 -31.47 -20.86 -6.49
C ASP A 137 -31.00 -21.98 -5.58
N GLU A 138 -29.68 -22.17 -5.50
CA GLU A 138 -29.10 -23.20 -4.67
C GLU A 138 -29.28 -22.87 -3.18
N CYS A 139 -29.24 -21.58 -2.86
CA CYS A 139 -29.46 -21.13 -1.49
C CYS A 139 -30.93 -21.23 -1.12
N LYS A 140 -31.80 -20.87 -2.05
CA LYS A 140 -33.24 -20.89 -1.81
C LYS A 140 -33.74 -22.33 -1.67
N ARG A 141 -33.10 -23.24 -2.39
CA ARG A 141 -33.51 -24.64 -2.40
C ARG A 141 -33.03 -25.40 -1.17
N ARG A 142 -31.75 -25.23 -0.85
CA ARG A 142 -31.12 -26.02 0.22
C ARG A 142 -31.13 -25.31 1.56
N TYR A 143 -31.38 -24.01 1.56
CA TYR A 143 -31.43 -23.24 2.80
C TYR A 143 -32.52 -22.17 2.73
N ASN A 144 -32.11 -20.91 2.69
CA ASN A 144 -33.05 -19.80 2.58
C ASN A 144 -32.43 -18.57 1.96
N ILE A 145 -33.28 -17.61 1.59
CA ILE A 145 -32.84 -16.37 0.95
C ILE A 145 -31.96 -15.53 1.87
N LYS A 146 -32.25 -15.58 3.17
CA LYS A 146 -31.49 -14.83 4.16
C LYS A 146 -30.01 -15.22 4.18
N LEU A 147 -29.76 -16.51 3.97
CA LEU A 147 -28.38 -17.02 3.93
C LEU A 147 -27.66 -16.53 2.68
N TRP A 148 -28.40 -16.38 1.59
CA TRP A 148 -27.83 -15.87 0.34
C TRP A 148 -27.34 -14.43 0.53
N LYS A 149 -28.11 -13.65 1.27
CA LYS A 149 -27.74 -12.28 1.58
C LYS A 149 -26.50 -12.23 2.46
N THR A 150 -26.35 -13.23 3.32
CA THR A 150 -25.19 -13.34 4.19
C THR A 150 -23.93 -13.59 3.35
N PHE A 151 -24.05 -14.45 2.35
CA PHE A 151 -22.97 -14.71 1.41
C PHE A 151 -22.58 -13.44 0.66
N THR A 152 -23.59 -12.65 0.29
CA THR A 152 -23.38 -11.40 -0.41
C THR A 152 -22.56 -10.42 0.41
N ASP A 153 -22.91 -10.28 1.69
CA ASP A 153 -22.21 -9.39 2.59
C ASP A 153 -20.75 -9.83 2.76
N CYS A 154 -20.52 -11.13 2.68
CA CYS A 154 -19.18 -11.68 2.79
C CYS A 154 -18.38 -11.45 1.51
N PHE A 155 -19.03 -11.67 0.37
CA PHE A 155 -18.38 -11.51 -0.93
C PHE A 155 -17.94 -10.07 -1.17
N ASN A 156 -18.67 -9.13 -0.59
CA ASN A 156 -18.37 -7.71 -0.77
C ASN A 156 -17.08 -7.27 -0.09
N CYS A 157 -16.48 -8.16 0.69
CA CYS A 157 -15.27 -7.83 1.44
C CYS A 157 -14.04 -8.56 0.91
N LEU A 158 -14.23 -9.37 -0.13
CA LEU A 158 -13.13 -10.11 -0.74
C LEU A 158 -12.07 -9.19 -1.32
N PRO A 159 -10.79 -9.58 -1.19
CA PRO A 159 -9.71 -8.81 -1.83
C PRO A 159 -9.82 -8.89 -3.35
N ILE A 160 -9.35 -7.86 -4.04
CA ILE A 160 -9.57 -7.77 -5.48
C ILE A 160 -8.37 -8.28 -6.29
N ALA A 161 -7.17 -7.93 -5.85
CA ALA A 161 -5.97 -8.32 -6.59
C ALA A 161 -4.86 -8.81 -5.66
N ALA A 162 -3.87 -9.47 -6.24
CA ALA A 162 -2.71 -9.94 -5.49
C ALA A 162 -1.45 -9.84 -6.34
N ILE A 163 -0.33 -9.55 -5.69
CA ILE A 163 0.95 -9.50 -6.37
C ILE A 163 1.93 -10.47 -5.72
N VAL A 164 2.46 -11.40 -6.52
CA VAL A 164 3.36 -12.42 -6.00
C VAL A 164 4.82 -12.04 -6.23
N ASP A 165 5.54 -11.80 -5.14
CA ASP A 165 6.96 -11.44 -5.16
C ASP A 165 7.25 -10.24 -6.07
N GLU A 166 6.31 -9.29 -6.10
CA GLU A 166 6.46 -8.06 -6.86
C GLU A 166 6.69 -8.29 -8.36
N LYS A 167 6.23 -9.42 -8.86
CA LYS A 167 6.47 -9.76 -10.26
C LYS A 167 5.22 -10.29 -10.96
N ILE A 168 4.36 -10.98 -10.24
CA ILE A 168 3.16 -11.57 -10.82
C ILE A 168 1.89 -10.89 -10.31
N PHE A 169 1.23 -10.15 -11.21
CA PHE A 169 -0.01 -9.46 -10.86
C PHE A 169 -1.21 -10.38 -11.10
N CYS A 170 -2.01 -10.58 -10.05
CA CYS A 170 -3.13 -11.51 -10.12
C CYS A 170 -4.48 -10.83 -9.88
N CYS A 171 -5.41 -11.08 -10.79
CA CYS A 171 -6.79 -10.61 -10.65
C CYS A 171 -7.71 -11.56 -11.42
N HIS A 172 -9.01 -11.38 -11.30
CA HIS A 172 -9.95 -12.27 -11.98
C HIS A 172 -10.08 -11.94 -13.46
N GLY A 173 -10.39 -10.68 -13.76
CA GLY A 173 -10.60 -10.25 -15.12
C GLY A 173 -9.32 -9.86 -15.82
N GLY A 174 -8.91 -8.61 -15.68
CA GLY A 174 -7.71 -8.12 -16.31
C GLY A 174 -7.41 -6.67 -15.99
N LEU A 175 -6.74 -6.01 -16.93
CA LEU A 175 -6.30 -4.63 -16.72
C LEU A 175 -7.43 -3.63 -16.90
N SER A 176 -7.15 -2.38 -16.53
CA SER A 176 -8.13 -1.31 -16.65
C SER A 176 -7.48 -0.06 -17.20
N PRO A 177 -8.19 0.67 -18.07
CA PRO A 177 -7.72 1.95 -18.62
C PRO A 177 -7.57 3.00 -17.53
N ASP A 178 -8.25 2.78 -16.40
CA ASP A 178 -8.23 3.72 -15.29
C ASP A 178 -7.10 3.42 -14.32
N LEU A 179 -6.37 2.33 -14.58
CA LEU A 179 -5.31 1.90 -13.66
C LEU A 179 -3.95 2.46 -14.03
N GLN A 180 -3.52 3.48 -13.29
CA GLN A 180 -2.20 4.06 -13.48
C GLN A 180 -1.29 3.73 -12.30
N SER A 181 -1.89 3.52 -11.13
CA SER A 181 -1.13 3.22 -9.93
C SER A 181 -1.84 2.18 -9.07
N MET A 182 -1.07 1.33 -8.41
CA MET A 182 -1.61 0.32 -7.51
C MET A 182 -2.36 0.96 -6.35
N GLU A 183 -2.02 2.21 -6.06
CA GLU A 183 -2.65 2.98 -5.00
C GLU A 183 -4.15 3.15 -5.24
N GLN A 184 -4.54 3.18 -6.51
CA GLN A 184 -5.95 3.31 -6.88
C GLN A 184 -6.74 2.08 -6.43
N ILE A 185 -6.08 0.93 -6.45
CA ILE A 185 -6.69 -0.31 -5.99
C ILE A 185 -6.80 -0.33 -4.47
N ARG A 186 -5.74 0.12 -3.80
CA ARG A 186 -5.71 0.16 -2.33
C ARG A 186 -6.76 1.12 -1.77
N ARG A 187 -7.08 2.15 -2.55
CA ARG A 187 -8.02 3.18 -2.11
C ARG A 187 -9.47 2.71 -2.16
N ILE A 188 -9.71 1.55 -2.79
CA ILE A 188 -11.05 1.00 -2.89
C ILE A 188 -11.55 0.56 -1.51
N MET A 189 -12.68 1.09 -1.09
CA MET A 189 -13.22 0.84 0.24
C MET A 189 -14.14 -0.37 0.29
N ARG A 190 -14.01 -1.16 1.35
CA ARG A 190 -14.86 -2.33 1.56
C ARG A 190 -15.70 -2.15 2.83
N PRO A 191 -16.89 -2.77 2.88
CA PRO A 191 -17.49 -3.62 1.84
C PRO A 191 -18.03 -2.81 0.66
N THR A 192 -18.05 -3.43 -0.52
CA THR A 192 -18.54 -2.76 -1.73
C THR A 192 -19.13 -3.75 -2.72
N ASP A 193 -20.08 -3.27 -3.51
CA ASP A 193 -20.63 -4.05 -4.60
C ASP A 193 -19.79 -3.81 -5.85
N VAL A 194 -20.01 -4.62 -6.88
CA VAL A 194 -19.32 -4.43 -8.15
C VAL A 194 -20.13 -3.52 -9.07
N PRO A 195 -19.61 -2.32 -9.36
CA PRO A 195 -20.30 -1.36 -10.22
C PRO A 195 -20.29 -1.76 -11.69
N ASP A 196 -21.17 -1.15 -12.48
CA ASP A 196 -21.25 -1.45 -13.91
C ASP A 196 -20.12 -0.82 -14.69
N GLN A 197 -19.39 0.09 -14.05
CA GLN A 197 -18.29 0.79 -14.68
C GLN A 197 -17.27 1.24 -13.64
N GLY A 198 -16.00 1.29 -14.05
CA GLY A 198 -14.93 1.75 -13.17
C GLY A 198 -13.79 0.77 -13.03
N LEU A 199 -12.83 1.14 -12.19
CA LEU A 199 -11.65 0.31 -11.95
C LEU A 199 -12.01 -1.08 -11.44
N LEU A 200 -12.86 -1.12 -10.42
CA LEU A 200 -13.27 -2.38 -9.81
C LEU A 200 -14.00 -3.28 -10.80
N CYS A 201 -14.83 -2.68 -11.64
CA CYS A 201 -15.55 -3.42 -12.66
C CYS A 201 -14.61 -4.11 -13.65
N ASP A 202 -13.63 -3.35 -14.13
CA ASP A 202 -12.71 -3.85 -15.14
C ASP A 202 -11.81 -4.99 -14.63
N LEU A 203 -11.39 -4.89 -13.36
CA LEU A 203 -10.51 -5.89 -12.77
C LEU A 203 -11.16 -7.28 -12.69
N LEU A 204 -12.47 -7.32 -12.82
CA LEU A 204 -13.22 -8.58 -12.71
C LEU A 204 -13.91 -8.98 -14.01
N TRP A 205 -13.87 -8.11 -15.02
CA TRP A 205 -14.64 -8.35 -16.24
C TRP A 205 -13.86 -8.27 -17.54
N SER A 206 -12.81 -7.44 -17.58
CA SER A 206 -12.08 -7.21 -18.82
C SER A 206 -11.36 -8.46 -19.32
N ASP A 207 -11.18 -8.55 -20.63
CA ASP A 207 -10.53 -9.69 -21.25
C ASP A 207 -9.43 -9.25 -22.23
N PRO A 208 -8.41 -10.09 -22.43
CA PRO A 208 -7.41 -9.83 -23.47
C PRO A 208 -7.95 -10.16 -24.85
N ASP A 209 -7.48 -9.47 -25.88
CA ASP A 209 -7.95 -9.70 -27.24
C ASP A 209 -6.82 -9.51 -28.24
N LYS A 210 -6.58 -10.54 -29.04
CA LYS A 210 -5.49 -10.52 -30.03
C LYS A 210 -5.77 -9.53 -31.16
N ASP A 211 -7.04 -9.31 -31.47
CA ASP A 211 -7.41 -8.48 -32.62
C ASP A 211 -7.70 -7.03 -32.25
N VAL A 212 -7.23 -6.61 -31.08
CA VAL A 212 -7.50 -5.26 -30.60
C VAL A 212 -6.20 -4.48 -30.38
N GLN A 213 -6.11 -3.32 -31.03
CA GLN A 213 -4.98 -2.42 -30.80
C GLN A 213 -5.32 -1.44 -29.67
N GLY A 214 -4.77 -1.71 -28.49
CA GLY A 214 -5.03 -0.91 -27.32
C GLY A 214 -6.27 -1.38 -26.57
N TRP A 215 -7.21 -0.46 -26.36
CA TRP A 215 -8.45 -0.80 -25.66
C TRP A 215 -9.63 -0.84 -26.62
N GLY A 216 -10.56 -1.75 -26.36
CA GLY A 216 -11.76 -1.87 -27.16
C GLY A 216 -12.98 -2.18 -26.32
N GLU A 217 -14.15 -2.24 -26.96
CA GLU A 217 -15.38 -2.59 -26.26
C GLU A 217 -15.47 -4.10 -26.11
N ASN A 218 -15.97 -4.55 -24.96
CA ASN A 218 -16.12 -5.96 -24.68
C ASN A 218 -17.48 -6.48 -25.15
N ASP A 219 -17.48 -7.65 -25.76
CA ASP A 219 -18.70 -8.23 -26.33
C ASP A 219 -19.68 -8.68 -25.25
N ARG A 220 -19.25 -8.62 -23.99
CA ARG A 220 -20.11 -8.96 -22.87
C ARG A 220 -21.09 -7.81 -22.61
N GLY A 221 -20.72 -6.63 -23.07
CA GLY A 221 -21.50 -5.43 -22.80
C GLY A 221 -21.04 -4.78 -21.51
N VAL A 222 -20.01 -5.36 -20.91
CA VAL A 222 -19.44 -4.86 -19.67
C VAL A 222 -17.92 -4.73 -19.80
N SER A 223 -17.37 -3.64 -19.27
CA SER A 223 -15.92 -3.40 -19.23
C SER A 223 -15.30 -3.32 -20.64
N PHE A 224 -14.03 -3.68 -20.74
CA PHE A 224 -13.29 -3.49 -21.99
C PHE A 224 -12.49 -4.72 -22.42
N THR A 225 -11.87 -4.62 -23.59
CA THR A 225 -10.86 -5.58 -24.03
C THR A 225 -9.53 -4.85 -24.19
N PHE A 226 -8.42 -5.58 -24.05
CA PHE A 226 -7.10 -4.97 -24.21
C PHE A 226 -6.15 -5.85 -25.01
N GLY A 227 -5.26 -5.23 -25.76
CA GLY A 227 -4.34 -5.94 -26.62
C GLY A 227 -2.99 -6.24 -25.99
N ALA A 228 -2.10 -6.82 -26.78
CA ALA A 228 -0.78 -7.23 -26.30
C ALA A 228 0.10 -6.05 -25.88
N GLU A 229 -0.04 -4.93 -26.58
CA GLU A 229 0.76 -3.74 -26.30
C GLU A 229 0.41 -3.17 -24.92
N VAL A 230 -0.87 -3.22 -24.59
CA VAL A 230 -1.35 -2.75 -23.29
C VAL A 230 -0.72 -3.56 -22.16
N VAL A 231 -0.69 -4.88 -22.33
CA VAL A 231 -0.07 -5.77 -21.37
C VAL A 231 1.40 -5.44 -21.17
N ALA A 232 2.12 -5.27 -22.28
CA ALA A 232 3.55 -4.99 -22.26
C ALA A 232 3.86 -3.69 -21.52
N LYS A 233 3.10 -2.63 -21.84
CA LYS A 233 3.32 -1.33 -21.22
C LYS A 233 3.02 -1.36 -19.72
N PHE A 234 2.03 -2.15 -19.34
CA PHE A 234 1.65 -2.28 -17.94
C PHE A 234 2.74 -2.94 -17.12
N LEU A 235 3.31 -4.02 -17.65
CA LEU A 235 4.35 -4.77 -16.95
C LEU A 235 5.61 -3.93 -16.76
N HIS A 236 5.98 -3.18 -17.79
CA HIS A 236 7.18 -2.36 -17.75
C HIS A 236 7.03 -1.19 -16.78
N LYS A 237 5.82 -0.63 -16.72
CA LYS A 237 5.55 0.52 -15.87
C LYS A 237 5.61 0.17 -14.38
N HIS A 238 5.19 -1.05 -14.04
CA HIS A 238 5.10 -1.46 -12.65
C HIS A 238 6.16 -2.50 -12.29
N ASP A 239 7.13 -2.69 -13.20
CA ASP A 239 8.22 -3.65 -13.01
C ASP A 239 7.69 -5.06 -12.71
N LEU A 240 6.73 -5.50 -13.52
CA LEU A 240 6.16 -6.83 -13.38
C LEU A 240 6.58 -7.71 -14.56
N ASP A 241 6.46 -9.02 -14.39
CA ASP A 241 6.84 -9.96 -15.43
C ASP A 241 5.65 -10.69 -16.04
N LEU A 242 4.61 -10.90 -15.22
CA LEU A 242 3.48 -11.71 -15.66
C LEU A 242 2.16 -11.26 -15.05
N ILE A 243 1.12 -11.25 -15.90
CA ILE A 243 -0.25 -11.06 -15.44
C ILE A 243 -0.95 -12.41 -15.39
N CYS A 244 -1.51 -12.75 -14.23
CA CYS A 244 -2.21 -14.02 -14.08
C CYS A 244 -3.69 -13.79 -13.79
N ARG A 245 -4.55 -14.28 -14.67
CA ARG A 245 -5.99 -14.06 -14.54
C ARG A 245 -6.80 -15.29 -14.93
N ALA A 246 -8.12 -15.14 -14.89
CA ALA A 246 -9.02 -16.25 -15.18
C ALA A 246 -10.16 -15.79 -16.11
N HIS A 247 -11.39 -15.88 -15.61
CA HIS A 247 -12.56 -15.26 -16.25
C HIS A 247 -12.97 -15.84 -17.61
N GLN A 248 -12.09 -16.65 -18.22
CA GLN A 248 -12.40 -17.23 -19.52
C GLN A 248 -12.03 -18.71 -19.59
N VAL A 249 -12.94 -19.52 -20.10
CA VAL A 249 -12.72 -20.96 -20.23
C VAL A 249 -11.76 -21.26 -21.38
N VAL A 250 -10.72 -22.02 -21.09
CA VAL A 250 -9.75 -22.42 -22.09
C VAL A 250 -9.62 -23.94 -22.15
N GLU A 251 -9.45 -24.48 -23.34
CA GLU A 251 -9.48 -25.92 -23.58
C GLU A 251 -8.41 -26.68 -22.80
N ASP A 252 -7.19 -26.16 -22.78
CA ASP A 252 -6.08 -26.84 -22.13
C ASP A 252 -5.97 -26.47 -20.66
N GLY A 253 -6.93 -25.68 -20.17
CA GLY A 253 -6.95 -25.27 -18.78
C GLY A 253 -6.14 -24.00 -18.54
N TYR A 254 -5.13 -23.78 -19.38
CA TYR A 254 -4.36 -22.55 -19.33
C TYR A 254 -3.97 -22.11 -20.74
N GLU A 255 -3.80 -20.81 -20.93
CA GLU A 255 -3.46 -20.27 -22.24
C GLU A 255 -2.70 -18.96 -22.12
N PHE A 256 -1.54 -18.90 -22.79
CA PHE A 256 -0.71 -17.71 -22.77
C PHE A 256 -1.26 -16.62 -23.68
N PHE A 257 -0.80 -15.40 -23.43
CA PHE A 257 -1.20 -14.25 -24.23
C PHE A 257 -0.06 -13.24 -24.25
N ALA A 258 0.15 -12.62 -25.40
CA ALA A 258 1.19 -11.60 -25.59
C ALA A 258 2.58 -12.13 -25.22
N LYS A 259 2.99 -13.21 -25.88
CA LYS A 259 4.31 -13.80 -25.68
C LYS A 259 4.59 -14.14 -24.21
N ARG A 260 3.71 -14.94 -23.61
CA ARG A 260 3.85 -15.41 -22.23
C ARG A 260 3.91 -14.29 -21.19
N GLN A 261 3.38 -13.12 -21.53
CA GLN A 261 3.33 -12.01 -20.57
C GLN A 261 2.04 -12.06 -19.78
N LEU A 262 1.07 -12.80 -20.28
CA LEU A 262 -0.21 -13.00 -19.59
C LEU A 262 -0.65 -14.45 -19.73
N VAL A 263 -1.30 -14.97 -18.69
CA VAL A 263 -1.81 -16.33 -18.71
C VAL A 263 -3.22 -16.39 -18.12
N THR A 264 -4.09 -17.16 -18.77
CA THR A 264 -5.45 -17.35 -18.29
C THR A 264 -5.58 -18.73 -17.65
N LEU A 265 -6.09 -18.77 -16.42
CA LEU A 265 -6.28 -20.04 -15.73
C LEU A 265 -7.76 -20.39 -15.59
N PHE A 266 -8.09 -21.64 -15.89
CA PHE A 266 -9.45 -22.16 -15.67
C PHE A 266 -9.36 -23.54 -15.05
N SER A 267 -9.87 -23.68 -13.83
CA SER A 267 -9.66 -24.90 -13.06
C SER A 267 -10.90 -25.78 -12.96
N ALA A 268 -11.88 -25.53 -13.81
CA ALA A 268 -13.09 -26.36 -13.83
C ALA A 268 -13.17 -27.18 -15.11
N PRO A 269 -12.75 -28.46 -15.05
CA PRO A 269 -12.76 -29.36 -16.21
C PRO A 269 -14.16 -29.78 -16.61
N ASN A 270 -14.38 -29.99 -17.90
CA ASN A 270 -15.71 -30.28 -18.43
C ASN A 270 -16.74 -29.27 -17.93
N TYR A 271 -16.44 -28.00 -18.17
CA TYR A 271 -17.20 -26.88 -17.63
C TYR A 271 -18.70 -27.01 -17.82
N CYS A 272 -19.40 -27.19 -16.70
CA CYS A 272 -20.86 -27.34 -16.62
C CYS A 272 -21.48 -28.16 -17.77
N GLY A 273 -20.83 -29.26 -18.13
CA GLY A 273 -21.35 -30.18 -19.11
C GLY A 273 -21.62 -29.58 -20.48
N GLU A 274 -20.91 -28.51 -20.80
CA GLU A 274 -21.07 -27.86 -22.11
C GLU A 274 -19.71 -27.70 -22.79
N PHE A 275 -18.67 -28.21 -22.13
CA PHE A 275 -17.32 -28.12 -22.66
C PHE A 275 -16.55 -29.40 -22.36
N ASP A 276 -15.54 -29.69 -23.17
CA ASP A 276 -14.68 -30.84 -22.95
C ASP A 276 -13.31 -30.39 -22.47
N ASN A 277 -13.26 -29.16 -21.93
CA ASN A 277 -12.01 -28.56 -21.51
C ASN A 277 -11.39 -29.24 -20.29
N ALA A 278 -10.07 -29.16 -20.20
CA ALA A 278 -9.36 -29.60 -19.01
C ALA A 278 -9.23 -28.44 -18.03
N GLY A 279 -8.97 -28.74 -16.76
CA GLY A 279 -8.70 -27.71 -15.78
C GLY A 279 -7.22 -27.64 -15.51
N ALA A 280 -6.73 -26.46 -15.14
CA ALA A 280 -5.31 -26.29 -14.87
C ALA A 280 -5.04 -25.42 -13.66
N MET A 281 -3.78 -25.38 -13.26
CA MET A 281 -3.37 -24.72 -12.03
C MET A 281 -1.90 -24.37 -12.15
N MET A 282 -1.55 -23.12 -11.84
CA MET A 282 -0.16 -22.68 -11.98
C MET A 282 0.59 -22.79 -10.68
N SER A 283 1.62 -23.64 -10.66
CA SER A 283 2.47 -23.81 -9.49
C SER A 283 3.70 -22.92 -9.62
N VAL A 284 3.89 -22.04 -8.63
CA VAL A 284 5.01 -21.11 -8.64
C VAL A 284 5.98 -21.44 -7.51
N ASP A 285 7.20 -21.82 -7.86
CA ASP A 285 8.20 -22.14 -6.85
C ASP A 285 8.89 -20.89 -6.31
N GLU A 286 9.90 -21.10 -5.48
CA GLU A 286 10.58 -20.02 -4.78
C GLU A 286 11.39 -19.13 -5.72
N THR A 287 11.73 -19.67 -6.89
CA THR A 287 12.49 -18.92 -7.89
C THR A 287 11.56 -18.31 -8.93
N LEU A 288 10.27 -18.27 -8.60
CA LEU A 288 9.23 -17.75 -9.48
C LEU A 288 9.17 -18.50 -10.82
N MET A 289 9.61 -19.76 -10.82
CA MET A 289 9.44 -20.61 -11.99
C MET A 289 8.03 -21.19 -11.98
N CYS A 290 7.26 -20.89 -13.02
CA CYS A 290 5.86 -21.27 -13.06
C CYS A 290 5.63 -22.54 -13.86
N SER A 291 5.02 -23.54 -13.23
CA SER A 291 4.65 -24.78 -13.89
C SER A 291 3.14 -24.90 -13.93
N PHE A 292 2.63 -25.69 -14.88
CA PHE A 292 1.18 -25.84 -15.03
C PHE A 292 0.73 -27.27 -14.81
N GLN A 293 0.05 -27.50 -13.68
CA GLN A 293 -0.49 -28.81 -13.36
C GLN A 293 -1.92 -28.93 -13.86
N ILE A 294 -2.13 -29.86 -14.80
CA ILE A 294 -3.41 -29.96 -15.50
C ILE A 294 -4.26 -31.12 -15.00
N LEU A 295 -5.53 -30.83 -14.69
CA LEU A 295 -6.49 -31.84 -14.35
C LEU A 295 -7.32 -32.20 -15.58
N LYS A 296 -7.00 -33.33 -16.20
CA LYS A 296 -7.57 -33.69 -17.49
C LYS A 296 -8.60 -34.82 -17.39
N PRO A 297 -9.80 -34.60 -17.93
CA PRO A 297 -10.86 -35.62 -17.95
C PRO A 297 -10.56 -36.71 -18.98
N ALA A 298 -11.06 -37.91 -18.75
CA ALA A 298 -10.86 -39.01 -19.68
C ALA A 298 -11.87 -38.97 -20.82
N LYS B 14 15.29 -11.31 -9.58
CA LYS B 14 14.31 -12.37 -9.40
C LYS B 14 13.23 -12.31 -10.47
N ARG B 15 13.47 -12.98 -11.60
CA ARG B 15 12.58 -12.89 -12.75
C ARG B 15 11.71 -14.13 -12.89
N VAL B 16 10.61 -14.00 -13.62
CA VAL B 16 9.67 -15.10 -13.83
C VAL B 16 10.10 -15.98 -14.99
N THR B 17 10.22 -17.29 -14.73
CA THR B 17 10.50 -18.26 -15.77
C THR B 17 9.43 -19.34 -15.80
N PHE B 18 9.51 -20.24 -16.78
CA PHE B 18 8.54 -21.31 -16.91
C PHE B 18 9.20 -22.68 -16.97
N GLY B 19 8.69 -23.61 -16.19
CA GLY B 19 9.27 -24.95 -16.11
C GLY B 19 8.83 -25.85 -17.25
N GLU B 20 9.28 -27.10 -17.21
CA GLU B 20 8.92 -28.09 -18.22
C GLU B 20 7.45 -28.48 -18.12
N ASP B 21 6.89 -28.94 -19.23
CA ASP B 21 5.51 -29.41 -19.24
C ASP B 21 5.35 -30.63 -18.35
N LEU B 22 4.22 -30.70 -17.65
CA LEU B 22 3.97 -31.81 -16.73
C LEU B 22 2.83 -32.68 -17.23
N SER B 23 2.98 -33.99 -17.05
CA SER B 23 1.92 -34.93 -17.40
C SER B 23 0.66 -34.62 -16.59
N PRO B 24 -0.49 -34.49 -17.27
CA PRO B 24 -1.74 -34.13 -16.61
C PRO B 24 -2.29 -35.26 -15.75
N GLU B 25 -2.92 -34.91 -14.65
CA GLU B 25 -3.59 -35.90 -13.81
C GLU B 25 -4.94 -36.26 -14.40
N VAL B 26 -5.03 -37.49 -14.92
CA VAL B 26 -6.24 -37.96 -15.57
C VAL B 26 -7.22 -38.54 -14.55
N PHE B 27 -8.48 -38.11 -14.63
CA PHE B 27 -9.49 -38.56 -13.69
C PHE B 27 -10.75 -39.03 -14.40
N ASP B 28 -11.54 -39.85 -13.70
CA ASP B 28 -12.85 -40.26 -14.16
C ASP B 28 -13.91 -39.64 -13.26
N GLU B 29 -14.93 -39.05 -13.88
CA GLU B 29 -15.98 -38.36 -13.13
C GLU B 29 -16.80 -39.33 -12.28
N SER B 30 -16.78 -40.60 -12.65
CA SER B 30 -17.53 -41.62 -11.91
C SER B 30 -16.70 -42.21 -10.77
N LEU B 31 -15.42 -41.89 -10.73
CA LEU B 31 -14.53 -42.38 -9.69
C LEU B 31 -14.31 -41.34 -8.59
N PRO B 32 -14.07 -41.81 -7.35
CA PRO B 32 -13.81 -40.93 -6.21
C PRO B 32 -12.70 -39.92 -6.47
N ALA B 33 -12.75 -38.78 -5.78
CA ALA B 33 -11.82 -37.69 -6.02
C ALA B 33 -10.38 -38.05 -5.64
N ASN B 34 -10.22 -38.95 -4.69
CA ASN B 34 -8.88 -39.33 -4.22
C ASN B 34 -8.29 -40.48 -5.02
N THR B 35 -9.04 -40.97 -6.01
CA THR B 35 -8.57 -42.07 -6.85
C THR B 35 -8.60 -41.70 -8.33
N PRO B 36 -7.57 -40.98 -8.79
CA PRO B 36 -7.45 -40.60 -10.20
C PRO B 36 -6.99 -41.77 -11.07
N LEU B 37 -7.34 -41.75 -12.35
CA LEU B 37 -6.92 -42.79 -13.29
C LEU B 37 -5.41 -42.82 -13.43
N ARG B 38 -4.81 -41.64 -13.56
CA ARG B 38 -3.36 -41.51 -13.70
C ARG B 38 -2.86 -40.29 -12.94
N LYS B 39 -1.92 -40.51 -12.02
CA LYS B 39 -1.34 -39.42 -11.24
C LYS B 39 -0.54 -38.49 -12.13
N GLY B 40 -0.79 -37.19 -12.00
CA GLY B 40 -0.14 -36.20 -12.83
C GLY B 40 1.28 -35.88 -12.39
N GLY B 41 2.01 -35.17 -13.25
CA GLY B 41 3.38 -34.80 -12.96
C GLY B 41 3.50 -33.73 -11.89
N THR B 42 4.58 -33.80 -11.13
CA THR B 42 4.86 -32.83 -10.08
C THR B 42 6.05 -31.95 -10.49
N PRO B 43 5.90 -30.62 -10.35
CA PRO B 43 6.97 -29.69 -10.73
C PRO B 43 8.28 -29.99 -10.00
N VAL B 44 9.37 -30.06 -10.78
CA VAL B 44 10.68 -30.39 -10.24
C VAL B 44 11.65 -29.27 -10.63
N CYS B 45 12.83 -29.24 -9.99
CA CYS B 45 13.84 -28.23 -10.26
C CYS B 45 14.24 -28.18 -11.73
N LYS B 46 14.80 -27.04 -12.14
CA LYS B 46 15.19 -26.83 -13.53
C LYS B 46 16.33 -27.76 -13.96
N LEU C 6 4.86 13.21 34.07
CA LEU C 6 4.72 12.88 32.66
C LEU C 6 5.47 11.60 32.31
N ASN C 7 4.73 10.52 32.10
CA ASN C 7 5.31 9.24 31.73
C ASN C 7 5.64 9.19 30.25
N LEU C 8 6.80 9.75 29.89
CA LEU C 8 7.20 9.88 28.49
C LEU C 8 7.42 8.54 27.81
N ASP C 9 7.95 7.56 28.56
CA ASP C 9 8.24 6.24 28.02
C ASP C 9 6.95 5.49 27.69
N SER C 10 5.90 5.72 28.47
CA SER C 10 4.61 5.09 28.22
C SER C 10 3.96 5.65 26.95
N ILE C 11 4.11 6.96 26.76
CA ILE C 11 3.58 7.63 25.58
C ILE C 11 4.28 7.14 24.32
N ILE C 12 5.61 7.15 24.34
CA ILE C 12 6.40 6.69 23.21
C ILE C 12 6.13 5.21 22.92
N GLY C 13 6.01 4.41 23.98
CA GLY C 13 5.73 2.99 23.84
C GLY C 13 4.44 2.68 23.12
N ARG C 14 3.37 3.39 23.47
CA ARG C 14 2.07 3.20 22.83
C ARG C 14 2.08 3.72 21.39
N LEU C 15 2.84 4.78 21.16
CA LEU C 15 2.96 5.35 19.82
C LEU C 15 3.74 4.42 18.90
N LEU C 16 4.73 3.73 19.45
CA LEU C 16 5.57 2.82 18.67
C LEU C 16 4.98 1.42 18.63
N GLU C 17 3.93 1.20 19.41
CA GLU C 17 3.31 -0.12 19.54
C GLU C 17 2.72 -0.62 18.23
N VAL C 18 2.25 0.31 17.39
CA VAL C 18 1.62 -0.04 16.12
C VAL C 18 2.64 -0.26 15.01
N GLN C 19 3.89 -0.48 15.40
CA GLN C 19 4.99 -0.66 14.46
C GLN C 19 4.80 -1.89 13.59
N GLY C 20 4.36 -2.98 14.19
CA GLY C 20 4.20 -4.24 13.49
C GLY C 20 2.76 -4.66 13.30
N SER C 21 1.84 -3.76 13.63
CA SER C 21 0.42 -4.03 13.47
C SER C 21 -0.05 -3.65 12.07
N ARG C 22 -1.29 -3.99 11.75
CA ARG C 22 -1.86 -3.61 10.47
C ARG C 22 -2.09 -2.10 10.44
N PRO C 23 -1.45 -1.43 9.47
CA PRO C 23 -1.47 0.04 9.34
C PRO C 23 -2.87 0.64 9.31
N GLY C 24 -3.01 1.84 9.86
CA GLY C 24 -4.26 2.57 9.83
C GLY C 24 -4.88 2.83 11.19
N LYS C 25 -4.65 1.92 12.13
CA LYS C 25 -5.27 2.04 13.45
C LYS C 25 -4.71 3.23 14.22
N ASN C 26 -5.58 3.94 14.92
CA ASN C 26 -5.19 5.11 15.69
C ASN C 26 -4.49 4.77 17.00
N VAL C 27 -3.71 5.72 17.50
CA VAL C 27 -3.18 5.66 18.85
C VAL C 27 -3.77 6.82 19.64
N GLN C 28 -4.75 6.52 20.48
CA GLN C 28 -5.48 7.57 21.19
C GLN C 28 -4.88 7.84 22.56
N LEU C 29 -4.01 8.83 22.63
CA LEU C 29 -3.46 9.28 23.90
C LEU C 29 -4.52 10.06 24.67
N THR C 30 -4.29 10.30 25.95
CA THR C 30 -5.23 11.09 26.74
C THR C 30 -5.00 12.57 26.48
N GLU C 31 -6.02 13.38 26.78
CA GLU C 31 -5.94 14.82 26.63
C GLU C 31 -4.77 15.41 27.43
N ASN C 32 -4.61 14.93 28.66
CA ASN C 32 -3.55 15.42 29.54
C ASN C 32 -2.16 15.07 29.05
N GLU C 33 -2.00 13.85 28.52
CA GLU C 33 -0.72 13.40 27.99
C GLU C 33 -0.27 14.28 26.82
N ILE C 34 -1.19 14.57 25.92
CA ILE C 34 -0.90 15.41 24.76
C ILE C 34 -0.63 16.84 25.22
N ARG C 35 -1.42 17.32 26.17
CA ARG C 35 -1.23 18.65 26.74
C ARG C 35 0.13 18.74 27.42
N GLY C 36 0.55 17.66 28.06
CA GLY C 36 1.85 17.59 28.68
C GLY C 36 2.96 17.64 27.66
N LEU C 37 2.75 16.98 26.52
CA LEU C 37 3.71 16.99 25.43
C LEU C 37 3.91 18.40 24.90
N CYS C 38 2.81 19.14 24.74
CA CYS C 38 2.87 20.50 24.23
C CYS C 38 3.60 21.44 25.19
N LEU C 39 3.30 21.30 26.48
CA LEU C 39 3.89 22.16 27.50
C LEU C 39 5.40 21.97 27.63
N LYS C 40 5.83 20.72 27.75
CA LYS C 40 7.25 20.42 27.96
C LYS C 40 8.09 20.76 26.72
N SER C 41 7.58 20.41 25.55
CA SER C 41 8.29 20.70 24.30
C SER C 41 8.39 22.19 24.06
N ARG C 42 7.36 22.93 24.47
CA ARG C 42 7.34 24.39 24.34
C ARG C 42 8.47 25.02 25.13
N GLU C 43 8.75 24.47 26.31
CA GLU C 43 9.83 24.97 27.16
C GLU C 43 11.19 24.75 26.50
N ILE C 44 11.35 23.57 25.90
CA ILE C 44 12.61 23.21 25.24
C ILE C 44 12.83 24.07 23.99
N PHE C 45 11.75 24.32 23.25
CA PHE C 45 11.82 25.16 22.06
C PHE C 45 12.26 26.58 22.41
N LEU C 46 11.79 27.10 23.54
CA LEU C 46 12.10 28.46 23.95
C LEU C 46 13.51 28.58 24.54
N SER C 47 13.99 27.49 25.13
CA SER C 47 15.33 27.49 25.72
C SER C 47 16.40 27.43 24.64
N GLN C 48 16.05 26.82 23.50
CA GLN C 48 16.97 26.70 22.38
C GLN C 48 16.76 27.84 21.39
N PRO C 49 17.82 28.20 20.63
CA PRO C 49 17.77 29.31 19.67
C PRO C 49 16.69 29.13 18.60
N ILE C 50 16.21 30.25 18.07
CA ILE C 50 15.24 30.22 16.98
C ILE C 50 15.96 29.89 15.67
N LEU C 51 17.26 30.16 15.64
CA LEU C 51 18.12 29.74 14.55
C LEU C 51 19.08 28.68 15.07
N LEU C 52 18.76 27.41 14.81
CA LEU C 52 19.51 26.31 15.38
C LEU C 52 20.88 26.16 14.74
N GLU C 53 21.88 25.86 15.55
CA GLU C 53 23.21 25.54 15.06
C GLU C 53 23.51 24.07 15.34
N LEU C 54 23.32 23.23 14.33
CA LEU C 54 23.42 21.79 14.50
C LEU C 54 24.73 21.24 13.93
N GLU C 55 25.11 20.06 14.41
CA GLU C 55 26.31 19.39 13.93
C GLU C 55 25.98 18.03 13.34
N ALA C 56 26.68 17.66 12.28
CA ALA C 56 26.56 16.34 11.67
C ALA C 56 27.23 15.30 12.59
N PRO C 57 26.81 14.02 12.49
CA PRO C 57 25.80 13.43 11.60
C PRO C 57 24.36 13.72 12.00
N LEU C 58 23.48 13.78 11.01
CA LEU C 58 22.07 14.04 11.23
C LEU C 58 21.28 13.68 9.98
N LYS C 59 20.02 13.30 10.17
CA LYS C 59 19.14 13.01 9.04
C LYS C 59 18.06 14.07 8.94
N ILE C 60 17.85 14.60 7.74
CA ILE C 60 16.92 15.70 7.53
C ILE C 60 15.69 15.22 6.75
N CYS C 61 14.51 15.54 7.27
CA CYS C 61 13.25 15.11 6.65
C CYS C 61 12.39 16.29 6.23
N GLY C 62 11.62 16.08 5.16
CA GLY C 62 10.70 17.10 4.67
C GLY C 62 9.32 16.94 5.28
N ASP C 63 8.30 17.29 4.51
CA ASP C 63 6.92 17.22 4.97
C ASP C 63 6.50 15.80 5.35
N ILE C 64 5.70 15.69 6.42
CA ILE C 64 5.15 14.42 6.83
C ILE C 64 3.64 14.44 6.60
N HIS C 65 3.02 15.55 6.98
CA HIS C 65 1.59 15.80 6.74
C HIS C 65 0.69 14.67 7.24
N GLY C 66 0.77 14.37 8.53
CA GLY C 66 -0.14 13.43 9.16
C GLY C 66 -0.09 11.99 8.69
N GLN C 67 0.89 11.67 7.86
CA GLN C 67 1.07 10.29 7.41
C GLN C 67 1.95 9.55 8.40
N TYR C 68 1.33 9.15 9.51
CA TYR C 68 2.06 8.63 10.67
C TYR C 68 2.78 7.31 10.43
N TYR C 69 2.14 6.39 9.71
CA TYR C 69 2.73 5.09 9.48
C TYR C 69 3.89 5.17 8.49
N ASP C 70 3.89 6.20 7.65
CA ASP C 70 5.02 6.47 6.76
C ASP C 70 6.17 7.06 7.57
N LEU C 71 5.84 7.82 8.61
CA LEU C 71 6.84 8.36 9.52
C LEU C 71 7.57 7.22 10.22
N LEU C 72 6.81 6.20 10.62
CA LEU C 72 7.39 5.02 11.26
C LEU C 72 8.28 4.27 10.28
N ARG C 73 7.91 4.28 9.01
CA ARG C 73 8.70 3.63 7.96
C ARG C 73 9.99 4.39 7.72
N LEU C 74 9.92 5.72 7.83
CA LEU C 74 11.11 6.56 7.70
C LEU C 74 12.08 6.24 8.82
N PHE C 75 11.54 6.06 10.02
CA PHE C 75 12.35 5.69 11.18
C PHE C 75 12.86 4.26 11.06
N GLU C 76 12.05 3.39 10.45
CA GLU C 76 12.46 2.01 10.21
C GLU C 76 13.65 1.95 9.27
N TYR C 77 13.72 2.92 8.36
CA TYR C 77 14.79 2.99 7.38
C TYR C 77 16.00 3.72 7.95
N GLY C 78 15.77 4.92 8.47
CA GLY C 78 16.83 5.78 8.95
C GLY C 78 17.33 5.44 10.34
N GLY C 79 16.52 4.69 11.09
CA GLY C 79 16.89 4.32 12.45
C GLY C 79 16.14 5.13 13.49
N PHE C 80 15.42 4.45 14.37
CA PHE C 80 14.70 5.11 15.44
C PHE C 80 15.67 5.81 16.40
N PRO C 81 15.29 7.00 16.88
CA PRO C 81 16.10 7.70 17.88
C PRO C 81 16.33 6.85 19.13
N PRO C 82 17.50 7.00 19.77
CA PRO C 82 18.56 7.95 19.41
C PRO C 82 19.64 7.33 18.53
N GLU C 83 19.31 6.29 17.76
CA GLU C 83 20.28 5.64 16.89
C GLU C 83 20.78 6.62 15.82
N SER C 84 19.91 7.53 15.41
CA SER C 84 20.28 8.57 14.44
C SER C 84 19.78 9.94 14.90
N ASN C 85 20.51 10.99 14.52
CA ASN C 85 20.08 12.35 14.78
C ASN C 85 19.07 12.80 13.72
N TYR C 86 18.12 13.65 14.10
CA TYR C 86 17.07 14.05 13.18
C TYR C 86 16.76 15.54 13.18
N LEU C 87 16.52 16.08 12.00
CA LEU C 87 16.04 17.44 11.82
C LEU C 87 14.87 17.48 10.84
N PHE C 88 13.68 17.83 11.34
CA PHE C 88 12.51 17.93 10.49
C PHE C 88 12.28 19.37 10.08
N LEU C 89 11.79 19.57 8.85
CA LEU C 89 11.66 20.91 8.28
C LEU C 89 10.24 21.49 8.37
N GLY C 90 9.38 20.86 9.16
CA GLY C 90 8.04 21.36 9.37
C GLY C 90 6.96 20.58 8.66
N ASP C 91 5.73 21.11 8.73
CA ASP C 91 4.55 20.48 8.12
C ASP C 91 4.35 19.05 8.61
N TYR C 92 3.95 18.92 9.87
CA TYR C 92 3.71 17.62 10.47
C TYR C 92 2.22 17.30 10.46
N VAL C 93 1.40 18.33 10.33
CA VAL C 93 -0.05 18.17 10.40
C VAL C 93 -0.71 18.47 9.05
N ASP C 94 -2.03 18.41 9.03
CA ASP C 94 -2.86 18.67 7.84
C ASP C 94 -2.72 17.61 6.75
N ARG C 95 -3.73 17.53 5.90
CA ARG C 95 -3.79 16.64 4.73
C ARG C 95 -3.87 15.16 5.08
N GLY C 96 -3.06 14.72 6.05
CA GLY C 96 -3.05 13.32 6.44
C GLY C 96 -4.20 12.94 7.36
N LYS C 97 -4.36 11.64 7.58
CA LYS C 97 -5.44 11.13 8.41
C LYS C 97 -5.05 11.02 9.88
N GLN C 98 -3.75 11.13 10.16
CA GLN C 98 -3.25 10.96 11.51
C GLN C 98 -2.21 12.00 11.89
N SER C 99 -2.62 13.26 11.92
CA SER C 99 -1.74 14.36 12.29
C SER C 99 -1.41 14.33 13.78
N LEU C 100 -2.35 13.83 14.58
CA LEU C 100 -2.18 13.78 16.03
C LEU C 100 -1.07 12.82 16.44
N GLU C 101 -1.11 11.61 15.92
CA GLU C 101 -0.08 10.61 16.20
C GLU C 101 1.28 11.09 15.74
N THR C 102 1.31 11.77 14.60
CA THR C 102 2.55 12.28 14.02
C THR C 102 3.22 13.31 14.93
N ILE C 103 2.49 14.37 15.27
CA ILE C 103 3.06 15.46 16.05
C ILE C 103 3.38 15.02 17.48
N CYS C 104 2.59 14.11 18.04
CA CYS C 104 2.81 13.64 19.40
C CYS C 104 4.11 12.85 19.53
N LEU C 105 4.39 12.01 18.54
CA LEU C 105 5.62 11.23 18.54
C LEU C 105 6.84 12.13 18.37
N LEU C 106 6.72 13.13 17.50
CA LEU C 106 7.82 14.05 17.24
C LEU C 106 8.09 14.93 18.46
N LEU C 107 7.02 15.32 19.16
CA LEU C 107 7.18 16.11 20.38
C LEU C 107 7.75 15.26 21.51
N ALA C 108 7.35 14.00 21.56
CA ALA C 108 7.84 13.07 22.57
C ALA C 108 9.34 12.82 22.39
N TYR C 109 9.75 12.63 21.14
CA TYR C 109 11.16 12.46 20.82
C TYR C 109 11.94 13.74 21.11
N LYS C 110 11.30 14.88 20.92
CA LYS C 110 11.91 16.17 21.20
C LYS C 110 12.22 16.31 22.69
N ILE C 111 11.28 15.86 23.52
CA ILE C 111 11.47 15.91 24.97
C ILE C 111 12.47 14.84 25.42
N LYS C 112 12.38 13.66 24.81
CA LYS C 112 13.24 12.53 25.17
C LYS C 112 14.69 12.77 24.78
N TYR C 113 14.92 13.35 23.60
CA TYR C 113 16.27 13.61 23.13
C TYR C 113 16.40 15.06 22.63
N PRO C 114 16.43 16.02 23.58
CA PRO C 114 16.38 17.45 23.25
C PRO C 114 17.62 17.97 22.54
N GLU C 115 18.69 17.19 22.50
CA GLU C 115 19.94 17.63 21.86
C GLU C 115 20.28 16.80 20.62
N ASN C 116 19.42 15.85 20.28
CA ASN C 116 19.65 14.99 19.13
C ASN C 116 18.43 14.87 18.24
N PHE C 117 17.39 15.65 18.56
CA PHE C 117 16.15 15.63 17.80
C PHE C 117 15.63 17.06 17.68
N PHE C 118 15.39 17.50 16.45
CA PHE C 118 15.01 18.89 16.22
C PHE C 118 13.86 19.03 15.22
N LEU C 119 12.98 19.98 15.48
CA LEU C 119 11.81 20.22 14.65
C LEU C 119 11.73 21.69 14.23
N LEU C 120 11.75 21.93 12.93
CA LEU C 120 11.55 23.29 12.42
C LEU C 120 10.07 23.56 12.20
N ARG C 121 9.73 24.83 12.06
CA ARG C 121 8.34 25.22 11.84
C ARG C 121 8.01 25.27 10.35
N GLY C 122 6.92 24.61 9.97
CA GLY C 122 6.44 24.68 8.60
C GLY C 122 5.30 25.68 8.52
N ASN C 123 4.82 25.95 7.31
CA ASN C 123 3.74 26.90 7.14
C ASN C 123 2.40 26.32 7.62
N HIS C 124 2.37 25.01 7.83
CA HIS C 124 1.18 24.34 8.33
C HIS C 124 1.16 24.26 9.86
N GLU C 125 2.27 24.65 10.47
CA GLU C 125 2.31 24.81 11.93
C GLU C 125 1.84 26.22 12.29
N CYS C 126 0.73 26.61 11.69
CA CYS C 126 0.15 27.94 11.86
C CYS C 126 -1.36 27.81 12.01
N ALA C 127 -1.91 28.49 13.02
CA ALA C 127 -3.32 28.37 13.36
C ALA C 127 -4.23 28.71 12.18
N SER C 128 -3.84 29.71 11.40
CA SER C 128 -4.63 30.15 10.25
C SER C 128 -4.65 29.12 9.13
N ILE C 129 -3.61 28.28 9.07
CA ILE C 129 -3.48 27.29 8.00
C ILE C 129 -4.08 25.95 8.38
N ASN C 130 -3.72 25.43 9.56
CA ASN C 130 -4.19 24.11 9.97
C ASN C 130 -5.65 24.12 10.41
N ARG C 131 -6.21 25.32 10.54
CA ARG C 131 -7.64 25.48 10.77
C ARG C 131 -8.44 24.91 9.61
N ILE C 132 -7.87 25.04 8.40
CA ILE C 132 -8.56 24.69 7.18
C ILE C 132 -8.24 23.28 6.66
N TYR C 133 -6.96 22.91 6.70
CA TYR C 133 -6.51 21.73 5.95
C TYR C 133 -6.42 20.44 6.77
N GLY C 134 -7.18 20.36 7.86
CA GLY C 134 -7.37 19.07 8.52
C GLY C 134 -7.12 18.98 10.01
N PHE C 135 -6.08 19.64 10.51
CA PHE C 135 -5.65 19.46 11.89
C PHE C 135 -6.73 19.92 12.89
N TYR C 136 -7.39 21.03 12.58
CA TYR C 136 -8.48 21.53 13.42
C TYR C 136 -9.61 20.51 13.49
N ASP C 137 -9.98 19.96 12.33
CA ASP C 137 -11.04 18.97 12.26
C ASP C 137 -10.68 17.71 13.02
N GLU C 138 -9.40 17.33 12.95
CA GLU C 138 -8.91 16.15 13.63
C GLU C 138 -8.90 16.35 15.15
N CYS C 139 -8.64 17.57 15.59
CA CYS C 139 -8.66 17.90 17.01
C CYS C 139 -10.09 17.95 17.54
N LYS C 140 -10.99 18.54 16.77
CA LYS C 140 -12.39 18.68 17.17
C LYS C 140 -13.08 17.32 17.21
N ARG C 141 -12.66 16.41 16.34
CA ARG C 141 -13.28 15.10 16.23
C ARG C 141 -12.79 14.13 17.30
N ARG C 142 -11.48 14.05 17.47
CA ARG C 142 -10.88 13.07 18.38
C ARG C 142 -10.64 13.61 19.78
N TYR C 143 -10.69 14.92 19.94
CA TYR C 143 -10.51 15.54 21.25
C TYR C 143 -11.43 16.76 21.41
N ASN C 144 -10.84 17.95 21.45
CA ASN C 144 -11.61 19.18 21.56
C ASN C 144 -10.88 20.39 21.01
N ILE C 145 -11.60 21.50 20.85
CA ILE C 145 -11.05 22.73 20.31
C ILE C 145 -9.97 23.30 21.22
N LYS C 146 -10.15 23.12 22.52
CA LYS C 146 -9.20 23.62 23.52
C LYS C 146 -7.81 23.02 23.33
N LEU C 147 -7.76 21.75 22.94
CA LEU C 147 -6.48 21.07 22.70
C LEU C 147 -5.81 21.62 21.44
N TRP C 148 -6.62 22.00 20.46
CA TRP C 148 -6.11 22.59 19.22
C TRP C 148 -5.43 23.93 19.50
N LYS C 149 -6.01 24.70 20.42
CA LYS C 149 -5.42 25.98 20.81
C LYS C 149 -4.09 25.78 21.54
N THR C 150 -4.00 24.67 22.27
CA THR C 150 -2.77 24.34 22.99
C THR C 150 -1.64 24.03 22.02
N PHE C 151 -1.97 23.30 20.94
CA PHE C 151 -1.00 23.03 19.88
C PHE C 151 -0.51 24.31 19.23
N THR C 152 -1.41 25.27 19.06
CA THR C 152 -1.07 26.55 18.45
C THR C 152 -0.03 27.29 19.28
N ASP C 153 -0.24 27.32 20.60
CA ASP C 153 0.69 27.97 21.51
C ASP C 153 2.06 27.28 21.47
N CYS C 154 2.05 25.97 21.23
CA CYS C 154 3.28 25.20 21.15
C CYS C 154 4.00 25.46 19.81
N PHE C 155 3.23 25.46 18.73
CA PHE C 155 3.78 25.68 17.39
C PHE C 155 4.40 27.06 17.25
N ASN C 156 3.88 28.04 17.99
CA ASN C 156 4.35 29.41 17.91
C ASN C 156 5.75 29.60 18.49
N CYS C 157 6.29 28.55 19.10
CA CYS C 157 7.60 28.64 19.73
C CYS C 157 8.65 27.82 18.98
N LEU C 158 8.24 27.16 17.91
CA LEU C 158 9.15 26.37 17.09
C LEU C 158 10.24 27.24 16.47
N PRO C 159 11.47 26.69 16.38
CA PRO C 159 12.55 27.39 15.68
C PRO C 159 12.25 27.50 14.19
N ILE C 160 12.75 28.55 13.55
CA ILE C 160 12.39 28.84 12.17
C ILE C 160 13.40 28.27 11.18
N ALA C 161 14.69 28.39 11.50
CA ALA C 161 15.74 27.93 10.61
C ALA C 161 16.84 27.20 11.36
N ALA C 162 17.67 26.48 10.62
CA ALA C 162 18.81 25.77 11.21
C ALA C 162 20.01 25.79 10.27
N ILE C 163 21.19 25.85 10.86
CA ILE C 163 22.42 25.79 10.08
C ILE C 163 23.29 24.63 10.55
N VAL C 164 23.61 23.73 9.62
CA VAL C 164 24.39 22.54 9.96
C VAL C 164 25.87 22.73 9.62
N ASP C 165 26.71 22.74 10.65
CA ASP C 165 28.15 22.89 10.50
C ASP C 165 28.56 24.12 9.68
N GLU C 166 27.80 25.19 9.83
CA GLU C 166 28.07 26.47 9.17
C GLU C 166 28.14 26.36 7.64
N LYS C 167 27.47 25.35 7.08
CA LYS C 167 27.51 25.13 5.64
C LYS C 167 26.14 24.85 5.02
N ILE C 168 25.26 24.21 5.78
CA ILE C 168 23.93 23.86 5.27
C ILE C 168 22.84 24.65 5.96
N PHE C 169 22.22 25.57 5.21
CA PHE C 169 21.13 26.39 5.73
C PHE C 169 19.81 25.68 5.53
N CYS C 170 19.07 25.48 6.62
CA CYS C 170 17.83 24.72 6.58
C CYS C 170 16.62 25.55 6.99
N CYS C 171 15.58 25.52 6.17
CA CYS C 171 14.31 26.16 6.48
C CYS C 171 13.18 25.44 5.75
N HIS C 172 11.94 25.79 6.05
CA HIS C 172 10.82 25.12 5.42
C HIS C 172 10.58 25.62 4.01
N GLY C 173 10.44 26.93 3.86
CA GLY C 173 10.16 27.54 2.57
C GLY C 173 11.41 27.83 1.76
N GLY C 174 12.00 29.00 1.99
CA GLY C 174 13.19 29.40 1.26
C GLY C 174 13.70 30.76 1.67
N LEU C 175 14.37 31.44 0.74
CA LEU C 175 15.01 32.72 1.03
C LEU C 175 14.04 33.89 1.07
N SER C 176 14.53 35.03 1.53
CA SER C 176 13.71 36.24 1.65
C SER C 176 14.45 37.48 1.19
N PRO C 177 13.73 38.42 0.53
CA PRO C 177 14.32 39.70 0.14
C PRO C 177 14.74 40.54 1.35
N ASP C 178 14.17 40.23 2.51
CA ASP C 178 14.46 40.97 3.73
C ASP C 178 15.62 40.36 4.51
N LEU C 179 16.13 39.23 4.03
CA LEU C 179 17.19 38.51 4.73
C LEU C 179 18.58 38.92 4.26
N GLN C 180 19.25 39.75 5.04
CA GLN C 180 20.62 40.15 4.72
C GLN C 180 21.62 39.53 5.70
N SER C 181 21.17 39.27 6.92
CA SER C 181 22.02 38.68 7.94
C SER C 181 21.26 37.68 8.81
N MET C 182 21.97 36.64 9.26
CA MET C 182 21.38 35.63 10.12
C MET C 182 20.89 36.22 11.44
N GLU C 183 21.46 37.36 11.82
CA GLU C 183 21.06 38.06 13.04
C GLU C 183 19.60 38.50 13.00
N GLN C 184 19.10 38.79 11.81
CA GLN C 184 17.71 39.21 11.63
C GLN C 184 16.75 38.09 12.01
N ILE C 185 17.18 36.84 11.80
CA ILE C 185 16.38 35.68 12.19
C ILE C 185 16.38 35.54 13.71
N ARG C 186 17.54 35.75 14.32
CA ARG C 186 17.69 35.65 15.77
C ARG C 186 16.88 36.70 16.52
N ARG C 187 16.65 37.84 15.88
CA ARG C 187 15.95 38.95 16.53
C ARG C 187 14.44 38.70 16.62
N ILE C 188 13.96 37.67 15.92
CA ILE C 188 12.54 37.33 15.95
C ILE C 188 12.16 36.77 17.31
N MET C 189 11.17 37.40 17.95
CA MET C 189 10.76 37.03 19.30
C MET C 189 9.67 35.97 19.29
N ARG C 190 9.77 35.02 20.21
CA ARG C 190 8.78 33.97 20.37
C ARG C 190 8.10 34.10 21.73
N PRO C 191 6.83 33.65 21.84
CA PRO C 191 6.00 33.05 20.79
C PRO C 191 5.49 34.06 19.76
N THR C 192 5.25 33.59 18.55
CA THR C 192 4.76 34.45 17.48
C THR C 192 3.91 33.68 16.48
N ASP C 193 2.98 34.39 15.86
CA ASP C 193 2.18 33.82 14.78
C ASP C 193 2.91 34.07 13.46
N VAL C 194 2.46 33.43 12.39
CA VAL C 194 3.05 33.64 11.07
C VAL C 194 2.32 34.76 10.34
N PRO C 195 3.01 35.87 10.09
CA PRO C 195 2.41 37.01 9.38
C PRO C 195 2.21 36.72 7.89
N ASP C 196 1.37 37.52 7.24
CA ASP C 196 1.08 37.33 5.82
C ASP C 196 2.23 37.82 4.93
N GLN C 197 3.15 38.56 5.53
CA GLN C 197 4.28 39.12 4.79
C GLN C 197 5.47 39.34 5.72
N GLY C 198 6.67 39.25 5.18
CA GLY C 198 7.87 39.50 5.96
C GLY C 198 8.88 38.36 5.93
N LEU C 199 9.95 38.52 6.68
CA LEU C 199 11.03 37.54 6.73
C LEU C 199 10.56 36.15 7.16
N LEU C 200 9.85 36.09 8.28
CA LEU C 200 9.37 34.82 8.81
C LEU C 200 8.41 34.14 7.83
N CYS C 201 7.58 34.95 7.18
CA CYS C 201 6.63 34.45 6.19
C CYS C 201 7.34 33.80 5.01
N ASP C 202 8.35 34.50 4.48
CA ASP C 202 9.08 34.02 3.32
C ASP C 202 9.85 32.74 3.62
N LEU C 203 10.42 32.68 4.83
CA LEU C 203 11.20 31.52 5.25
C LEU C 203 10.34 30.26 5.32
N LEU C 204 9.03 30.43 5.31
CA LEU C 204 8.12 29.31 5.46
C LEU C 204 7.27 29.09 4.21
N TRP C 205 7.36 30.00 3.24
CA TRP C 205 6.44 29.96 2.10
C TRP C 205 7.10 30.03 0.71
N SER C 206 8.24 30.72 0.61
CA SER C 206 8.85 30.95 -0.70
C SER C 206 9.34 29.67 -1.35
N ASP C 207 9.36 29.65 -2.68
CA ASP C 207 9.77 28.49 -3.45
C ASP C 207 10.81 28.85 -4.50
N PRO C 208 11.66 27.89 -4.87
CA PRO C 208 12.57 28.13 -5.99
C PRO C 208 11.85 28.02 -7.32
N ASP C 209 12.32 28.75 -8.33
CA ASP C 209 11.68 28.76 -9.64
C ASP C 209 12.73 28.87 -10.74
N LYS C 210 12.73 27.91 -11.66
CA LYS C 210 13.70 27.86 -12.74
C LYS C 210 13.54 29.03 -13.72
N ASP C 211 12.31 29.52 -13.85
CA ASP C 211 12.00 30.55 -14.85
C ASP C 211 12.07 31.96 -14.29
N VAL C 212 12.73 32.13 -13.14
CA VAL C 212 12.79 33.44 -12.50
C VAL C 212 14.23 33.95 -12.35
N GLN C 213 14.49 35.13 -12.90
CA GLN C 213 15.76 35.82 -12.68
C GLN C 213 15.63 36.74 -11.47
N GLY C 214 16.17 36.32 -10.34
CA GLY C 214 16.04 37.09 -9.12
C GLY C 214 14.79 36.69 -8.35
N TRP C 215 13.92 37.66 -8.10
CA TRP C 215 12.67 37.41 -7.38
C TRP C 215 11.48 37.43 -8.33
N GLY C 216 10.48 36.60 -8.03
CA GLY C 216 9.28 36.53 -8.83
C GLY C 216 8.02 36.39 -7.98
N GLU C 217 6.87 36.36 -8.66
CA GLU C 217 5.60 36.20 -7.97
C GLU C 217 5.36 34.73 -7.63
N ASN C 218 4.82 34.48 -6.44
CA ASN C 218 4.50 33.12 -6.04
C ASN C 218 3.06 32.76 -6.41
N ASP C 219 2.88 31.57 -6.98
CA ASP C 219 1.56 31.14 -7.43
C ASP C 219 0.62 30.80 -6.27
N ARG C 220 1.17 30.75 -5.06
CA ARG C 220 0.39 30.48 -3.86
C ARG C 220 -0.41 31.71 -3.44
N GLY C 221 0.04 32.88 -3.86
CA GLY C 221 -0.56 34.13 -3.44
C GLY C 221 0.11 34.64 -2.18
N VAL C 222 1.12 33.91 -1.72
CA VAL C 222 1.88 34.27 -0.52
C VAL C 222 3.38 34.26 -0.83
N SER C 223 4.09 35.25 -0.30
CA SER C 223 5.54 35.33 -0.41
C SER C 223 6.02 35.41 -1.87
N PHE C 224 7.23 34.90 -2.13
CA PHE C 224 7.84 35.04 -3.43
C PHE C 224 8.41 33.73 -3.98
N THR C 225 8.91 33.83 -5.20
CA THR C 225 9.74 32.79 -5.78
C THR C 225 11.12 33.39 -6.03
N PHE C 226 12.15 32.55 -6.03
CA PHE C 226 13.51 33.03 -6.25
C PHE C 226 14.29 32.14 -7.21
N GLY C 227 15.16 32.75 -7.99
CA GLY C 227 15.94 32.05 -9.00
C GLY C 227 17.30 31.59 -8.52
N ALA C 228 18.08 31.04 -9.45
CA ALA C 228 19.41 30.53 -9.15
C ALA C 228 20.36 31.63 -8.70
N GLU C 229 20.20 32.82 -9.27
CA GLU C 229 21.07 33.94 -8.96
C GLU C 229 20.94 34.36 -7.48
N VAL C 230 19.72 34.36 -6.98
CA VAL C 230 19.48 34.69 -5.57
C VAL C 230 20.16 33.68 -4.65
N VAL C 231 19.98 32.40 -4.96
CA VAL C 231 20.59 31.31 -4.20
C VAL C 231 22.11 31.43 -4.16
N ALA C 232 22.71 31.63 -5.33
CA ALA C 232 24.16 31.73 -5.45
C ALA C 232 24.72 32.89 -4.63
N LYS C 233 24.08 34.05 -4.73
CA LYS C 233 24.52 35.23 -3.99
C LYS C 233 24.39 35.03 -2.49
N PHE C 234 23.35 34.32 -2.08
CA PHE C 234 23.11 34.05 -0.66
C PHE C 234 24.19 33.18 -0.05
N LEU C 235 24.55 32.11 -0.76
CA LEU C 235 25.56 31.17 -0.28
C LEU C 235 26.93 31.82 -0.17
N HIS C 236 27.28 32.64 -1.14
CA HIS C 236 28.59 33.29 -1.16
C HIS C 236 28.74 34.32 -0.05
N LYS C 237 27.65 35.03 0.24
CA LYS C 237 27.67 36.07 1.25
C LYS C 237 27.87 35.51 2.66
N HIS C 238 27.30 34.34 2.92
CA HIS C 238 27.34 33.76 4.25
C HIS C 238 28.24 32.52 4.32
N ASP C 239 29.03 32.30 3.27
CA ASP C 239 29.96 31.17 3.20
C ASP C 239 29.24 29.84 3.42
N LEU C 240 28.13 29.63 2.71
CA LEU C 240 27.37 28.39 2.79
C LEU C 240 27.51 27.59 1.52
N ASP C 241 27.21 26.30 1.59
CA ASP C 241 27.35 25.42 0.43
C ASP C 241 26.01 24.92 -0.10
N LEU C 242 25.03 24.77 0.78
CA LEU C 242 23.76 24.16 0.40
C LEU C 242 22.57 24.71 1.17
N ILE C 243 21.48 24.96 0.45
CA ILE C 243 20.20 25.29 1.06
C ILE C 243 19.30 24.06 1.05
N CYS C 244 18.81 23.68 2.22
CA CYS C 244 17.94 22.50 2.33
C CYS C 244 16.55 22.90 2.79
N ARG C 245 15.55 22.62 1.96
CA ARG C 245 14.19 23.01 2.27
C ARG C 245 13.17 21.93 1.87
N ALA C 246 11.89 22.25 2.04
CA ALA C 246 10.82 21.31 1.75
C ALA C 246 9.68 22.01 1.01
N HIS C 247 8.50 22.03 1.62
CA HIS C 247 7.38 22.86 1.19
C HIS C 247 6.77 22.49 -0.17
N GLN C 248 7.47 21.68 -0.95
CA GLN C 248 6.96 21.27 -2.27
C GLN C 248 7.13 19.77 -2.52
N VAL C 249 6.06 19.15 -3.02
CA VAL C 249 6.09 17.72 -3.31
C VAL C 249 6.90 17.44 -4.58
N VAL C 250 7.86 16.54 -4.46
CA VAL C 250 8.70 16.15 -5.59
C VAL C 250 8.62 14.64 -5.82
N GLU C 251 8.64 14.24 -7.08
CA GLU C 251 8.40 12.86 -7.47
C GLU C 251 9.40 11.86 -6.88
N ASP C 252 10.68 12.21 -6.90
CA ASP C 252 11.72 11.31 -6.40
C ASP C 252 11.97 11.51 -4.91
N GLY C 253 11.18 12.37 -4.28
CA GLY C 253 11.34 12.64 -2.85
C GLY C 253 12.35 13.74 -2.58
N TYR C 254 13.29 13.91 -3.51
CA TYR C 254 14.25 15.00 -3.44
C TYR C 254 14.52 15.55 -4.83
N GLU C 255 14.89 16.83 -4.91
CA GLU C 255 15.13 17.46 -6.19
C GLU C 255 16.11 18.63 -6.07
N PHE C 256 17.16 18.60 -6.88
CA PHE C 256 18.16 19.66 -6.85
C PHE C 256 17.71 20.92 -7.57
N PHE C 257 18.35 22.03 -7.25
CA PHE C 257 18.07 23.31 -7.89
C PHE C 257 19.32 24.19 -7.88
N ALA C 258 19.53 24.92 -8.97
CA ALA C 258 20.67 25.83 -9.10
C ALA C 258 22.02 25.15 -8.89
N LYS C 259 22.32 24.14 -9.71
CA LYS C 259 23.59 23.43 -9.65
C LYS C 259 23.88 22.85 -8.27
N ARG C 260 22.94 22.07 -7.76
CA ARG C 260 23.10 21.38 -6.47
C ARG C 260 23.37 22.33 -5.30
N GLN C 261 23.00 23.59 -5.46
CA GLN C 261 23.18 24.56 -4.38
C GLN C 261 21.95 24.60 -3.48
N LEU C 262 20.85 24.07 -3.99
CA LEU C 262 19.62 23.96 -3.22
C LEU C 262 18.96 22.61 -3.48
N VAL C 263 18.35 22.04 -2.45
CA VAL C 263 17.65 20.77 -2.59
C VAL C 263 16.31 20.82 -1.86
N THR C 264 15.28 20.27 -2.49
CA THR C 264 13.95 20.21 -1.89
C THR C 264 13.68 18.78 -1.39
N LEU C 265 13.29 18.66 -0.13
CA LEU C 265 12.97 17.35 0.44
C LEU C 265 11.49 17.22 0.72
N PHE C 266 10.91 16.09 0.33
CA PHE C 266 9.52 15.78 0.65
C PHE C 266 9.43 14.33 1.12
N SER C 267 9.03 14.14 2.37
CA SER C 267 9.11 12.82 2.99
C SER C 267 7.75 12.14 3.14
N ALA C 268 6.75 12.63 2.42
CA ALA C 268 5.44 12.01 2.44
C ALA C 268 5.11 11.33 1.12
N PRO C 269 5.32 10.00 1.05
CA PRO C 269 5.08 9.24 -0.16
C PRO C 269 3.59 9.09 -0.44
N ASN C 270 3.22 9.04 -1.72
CA ASN C 270 1.81 9.03 -2.13
C ASN C 270 1.02 10.11 -1.43
N TYR C 271 1.49 11.35 -1.57
CA TYR C 271 0.96 12.50 -0.85
C TYR C 271 -0.56 12.63 -0.92
N CYS C 272 -1.19 12.42 0.23
CA CYS C 272 -2.65 12.46 0.42
C CYS C 272 -3.46 11.90 -0.76
N GLY C 273 -3.00 10.77 -1.29
CA GLY C 273 -3.73 10.06 -2.33
C GLY C 273 -3.97 10.84 -3.60
N GLU C 274 -3.12 11.83 -3.87
CA GLU C 274 -3.25 12.64 -5.08
C GLU C 274 -1.95 12.66 -5.87
N PHE C 275 -0.95 11.92 -5.38
CA PHE C 275 0.35 11.85 -6.02
C PHE C 275 0.93 10.45 -5.93
N ASP C 276 1.81 10.10 -6.86
CA ASP C 276 2.50 8.81 -6.84
C ASP C 276 3.95 9.02 -6.45
N ASN C 277 4.22 10.13 -5.79
CA ASN C 277 5.59 10.51 -5.43
C ASN C 277 6.20 9.60 -4.38
N ALA C 278 7.53 9.50 -4.41
CA ALA C 278 8.27 8.82 -3.36
C ALA C 278 8.63 9.83 -2.27
N GLY C 279 8.97 9.32 -1.09
CA GLY C 279 9.45 10.15 -0.01
C GLY C 279 10.95 10.01 0.12
N ALA C 280 11.63 11.06 0.57
CA ALA C 280 13.08 10.99 0.72
C ALA C 280 13.57 11.67 1.99
N MET C 281 14.85 11.49 2.24
CA MET C 281 15.48 11.94 3.48
C MET C 281 16.96 12.10 3.21
N MET C 282 17.52 13.26 3.56
CA MET C 282 18.94 13.51 3.29
C MET C 282 19.78 13.14 4.50
N SER C 283 20.65 12.16 4.30
CA SER C 283 21.58 11.72 5.35
C SER C 283 22.92 12.43 5.20
N VAL C 284 23.32 13.13 6.25
CA VAL C 284 24.56 13.89 6.25
C VAL C 284 25.55 13.29 7.23
N ASP C 285 26.68 12.78 6.72
CA ASP C 285 27.68 12.19 7.60
C ASP C 285 28.60 13.27 8.18
N GLU C 286 29.65 12.83 8.88
CA GLU C 286 30.53 13.73 9.60
C GLU C 286 31.37 14.59 8.66
N THR C 287 31.52 14.14 7.42
CA THR C 287 32.28 14.89 6.43
C THR C 287 31.36 15.73 5.56
N LEU C 288 30.12 15.90 6.01
CA LEU C 288 29.10 16.65 5.29
C LEU C 288 28.82 16.08 3.90
N MET C 289 29.08 14.78 3.72
CA MET C 289 28.69 14.10 2.50
C MET C 289 27.22 13.74 2.60
N CYS C 290 26.42 14.27 1.68
CA CYS C 290 24.97 14.10 1.76
C CYS C 290 24.48 12.98 0.86
N SER C 291 23.78 12.02 1.47
CA SER C 291 23.17 10.93 0.73
C SER C 291 21.65 11.02 0.84
N PHE C 292 20.96 10.44 -0.12
CA PHE C 292 19.50 10.52 -0.14
C PHE C 292 18.86 9.14 -0.01
N GLN C 293 18.25 8.90 1.15
CA GLN C 293 17.55 7.65 1.40
C GLN C 293 16.09 7.79 1.03
N ILE C 294 15.66 7.02 0.04
CA ILE C 294 14.33 7.18 -0.55
C ILE C 294 13.35 6.12 -0.07
N LEU C 295 12.19 6.58 0.40
CA LEU C 295 11.09 5.69 0.76
C LEU C 295 10.11 5.63 -0.41
N LYS C 296 10.17 4.55 -1.18
CA LYS C 296 9.40 4.46 -2.41
C LYS C 296 8.22 3.48 -2.29
N PRO C 297 7.01 3.97 -2.61
CA PRO C 297 5.79 3.15 -2.57
C PRO C 297 5.70 2.20 -3.78
N ALA C 298 5.04 1.06 -3.58
CA ALA C 298 4.83 0.11 -4.66
C ALA C 298 3.61 0.50 -5.49
N ASP C 299 3.82 1.43 -6.43
CA ASP C 299 2.72 1.90 -7.27
C ASP C 299 2.67 1.16 -8.61
N ARG D 15 33.55 21.05 3.42
CA ARG D 15 32.61 21.43 2.36
C ARG D 15 31.59 20.32 2.10
N VAL D 16 30.48 20.70 1.47
CA VAL D 16 29.40 19.77 1.19
C VAL D 16 29.62 18.98 -0.11
N THR D 17 29.56 17.67 0.00
CA THR D 17 29.62 16.78 -1.15
C THR D 17 28.39 15.87 -1.18
N PHE D 18 28.24 15.10 -2.25
CA PHE D 18 27.10 14.19 -2.36
C PHE D 18 27.56 12.77 -2.64
N GLY D 19 27.00 11.82 -1.91
CA GLY D 19 27.39 10.44 -2.03
C GLY D 19 26.74 9.73 -3.21
N GLU D 20 27.02 8.45 -3.34
CA GLU D 20 26.46 7.64 -4.42
C GLU D 20 24.97 7.44 -4.21
N ASP D 21 24.24 7.19 -5.29
CA ASP D 21 22.81 6.92 -5.20
C ASP D 21 22.56 5.64 -4.41
N LEU D 22 21.50 5.65 -3.60
CA LEU D 22 21.17 4.51 -2.76
C LEU D 22 19.87 3.85 -3.23
N SER D 23 19.84 2.52 -3.17
CA SER D 23 18.64 1.77 -3.51
C SER D 23 17.50 2.16 -2.57
N PRO D 24 16.35 2.50 -3.15
CA PRO D 24 15.20 2.96 -2.35
C PRO D 24 14.58 1.83 -1.54
N GLU D 25 14.09 2.16 -0.34
CA GLU D 25 13.34 1.19 0.46
C GLU D 25 11.91 1.12 -0.04
N VAL D 26 11.56 0.00 -0.66
CA VAL D 26 10.22 -0.17 -1.23
C VAL D 26 9.24 -0.69 -0.19
N PHE D 27 8.09 -0.04 -0.07
CA PHE D 27 7.10 -0.41 0.92
C PHE D 27 5.69 -0.49 0.34
N ASP D 28 4.82 -1.25 1.00
CA ASP D 28 3.40 -1.23 0.71
C ASP D 28 2.70 -0.62 1.93
N GLU D 29 1.81 0.33 1.69
CA GLU D 29 1.15 1.03 2.79
C GLU D 29 0.23 0.13 3.58
N SER D 30 -0.16 -0.99 2.96
CA SER D 30 -1.05 -1.95 3.61
C SER D 30 -0.26 -2.95 4.46
N LEU D 31 1.06 -2.92 4.31
CA LEU D 31 1.93 -3.79 5.09
C LEU D 31 2.50 -3.03 6.29
N PRO D 32 2.78 -3.74 7.40
CA PRO D 32 3.32 -3.15 8.62
C PRO D 32 4.58 -2.30 8.38
N ALA D 33 4.79 -1.31 9.25
CA ALA D 33 5.88 -0.36 9.08
C ALA D 33 7.25 -0.99 9.21
N ASN D 34 7.35 -2.06 9.99
CA ASN D 34 8.64 -2.71 10.21
C ASN D 34 8.95 -3.79 9.19
N THR D 35 8.04 -4.01 8.24
CA THR D 35 8.23 -5.03 7.21
C THR D 35 8.12 -4.45 5.81
N PRO D 36 9.20 -3.81 5.32
CA PRO D 36 9.22 -3.27 3.96
C PRO D 36 9.43 -4.37 2.91
N LEU D 37 8.94 -4.14 1.69
CA LEU D 37 9.10 -5.10 0.61
C LEU D 37 10.57 -5.32 0.28
N ARG D 38 11.33 -4.23 0.21
CA ARG D 38 12.76 -4.29 -0.06
C ARG D 38 13.51 -3.26 0.77
N LYS D 39 14.45 -3.72 1.58
CA LYS D 39 15.26 -2.82 2.39
C LYS D 39 16.14 -1.94 1.53
N GLY D 40 16.14 -0.65 1.82
CA GLY D 40 16.89 0.31 1.03
C GLY D 40 18.37 0.35 1.38
N GLY D 41 19.15 1.01 0.53
CA GLY D 41 20.58 1.12 0.72
C GLY D 41 20.96 2.03 1.88
N THR D 42 22.08 1.71 2.52
CA THR D 42 22.57 2.51 3.64
C THR D 42 23.82 3.27 3.25
N PRO D 43 23.86 4.58 3.54
CA PRO D 43 25.00 5.46 3.22
C PRO D 43 26.31 4.97 3.83
N VAL D 44 27.36 4.90 3.03
CA VAL D 44 28.66 4.42 3.49
C VAL D 44 29.74 5.46 3.23
#